data_8ZYC
#
_entry.id   8ZYC
#
_cell.length_a   1.00
_cell.length_b   1.00
_cell.length_c   1.00
_cell.angle_alpha   90.00
_cell.angle_beta   90.00
_cell.angle_gamma   90.00
#
_symmetry.space_group_name_H-M   'P 1'
#
loop_
_entity.id
_entity.type
_entity.pdbx_description
1 polymer 'Cysteine synthase A'
2 polymer 'tRNA nuclease CdiA'
3 polymer tRNAIleGAU
4 non-polymer 'MAGNESIUM ION'
#
loop_
_entity_poly.entity_id
_entity_poly.type
_entity_poly.pdbx_seq_one_letter_code
_entity_poly.pdbx_strand_id
1 'polypeptide(L)'
;MSKIFEDNSLTIGHTPLVRLNRIGNGRILAKVESRNPSFSV(LLP)CRIGANMIWDAEKRGVLKPGVELVEPTSGNTGIA
LAYVAAARGYKLTLTMPETMSIERRKLLKALGANLVLTEGAKGMKGAIQKAEEIVASNPEKYLLLQQFSNPANPEIHEKT
TGPEIWEDTDGQVDVFIAGVGTGGTLTGVSRYIKGTKGKTDLISVAVEPTDSPVIAQALAGEEIKPGPHKIQGIGAGFIP
ANLDLKLVDKVIGITNEEAISTARRLMEEEGILAGISSGAAVAAALKLQEDESFTNKNIVVILPSSGERYLSTALFADLF
TEKELQQ
;
A,E
2 'polypeptide(L)'
;MHHHHHHVENNALSLVARGCAVAAPCRTKVAEQLLEIGAKAGMAGLAGAAVKDMADRMTSDELEHLITLQMMGNDEITTK
YLSSLHDKYGSGAASNPNIGKDLTDAEKVELGGSGSGTGTPPPSENDPKQQNEKTVDKLNQKQESAIKKIDNTIKNALKD
HDIIGTLKDMDGKPVPKENGGYWDAMQEMQNTLRGLRNHADTLKNVNNPEAQAAYGRATDAINKIESALKGYGI
;
B
3 'polyribonucleotide'
;AGGCUUGUAGCUCAGGUGGUUAGAGCGCACCCCUGAU(T6A)AGGGUGAGGUCGGUGGUUCAAGUCCACUCAGGCCUACC
A
;
C
#
loop_
_chem_comp.id
_chem_comp.type
_chem_comp.name
_chem_comp.formula
A RNA linking ADENOSINE-5'-MONOPHOSPHATE 'C10 H14 N5 O7 P'
C RNA linking CYTIDINE-5'-MONOPHOSPHATE 'C9 H14 N3 O8 P'
G RNA linking GUANOSINE-5'-MONOPHOSPHATE 'C10 H14 N5 O8 P'
MG non-polymer 'MAGNESIUM ION' 'Mg 2'
T6A RNA linking N-[N-(9-B-D-RIBOFURANOSYLPURIN-6-YL)CARBAMOYL]THREONINE-5'-MONOPHOSPHATE 'C15 H21 N6 O11 P'
U RNA linking URIDINE-5'-MONOPHOSPHATE 'C9 H13 N2 O9 P'
#
# COMPACT_ATOMS: atom_id res chain seq x y z
N SER A 2 -13.87 18.21 -16.26
CA SER A 2 -14.67 18.52 -15.09
C SER A 2 -15.02 17.29 -14.27
N LYS A 3 -14.16 16.93 -13.31
CA LYS A 3 -14.41 15.79 -12.44
C LYS A 3 -13.89 16.14 -11.04
N ILE A 4 -14.83 16.45 -10.15
CA ILE A 4 -14.57 16.63 -8.73
C ILE A 4 -15.24 15.47 -8.03
N PHE A 5 -14.46 14.61 -7.39
CA PHE A 5 -15.02 13.48 -6.67
C PHE A 5 -15.68 13.96 -5.38
N GLU A 6 -16.82 13.36 -5.04
CA GLU A 6 -17.58 13.81 -3.89
C GLU A 6 -16.94 13.34 -2.58
N ASP A 7 -16.43 12.12 -2.56
CA ASP A 7 -15.67 11.61 -1.42
C ASP A 7 -14.62 10.64 -1.94
N ASN A 8 -13.73 10.22 -1.04
CA ASN A 8 -12.56 9.45 -1.44
C ASN A 8 -12.89 8.00 -1.77
N SER A 9 -14.11 7.54 -1.46
CA SER A 9 -14.51 6.20 -1.83
C SER A 9 -14.74 6.07 -3.32
N LEU A 10 -15.07 7.17 -3.99
CA LEU A 10 -15.38 7.19 -5.41
C LEU A 10 -14.14 7.30 -6.28
N THR A 11 -12.95 7.31 -5.70
CA THR A 11 -11.71 7.53 -6.44
C THR A 11 -10.99 6.24 -6.78
N ILE A 12 -11.71 5.12 -6.80
CA ILE A 12 -11.06 3.83 -6.98
C ILE A 12 -10.79 3.56 -8.45
N GLY A 13 -9.83 2.69 -8.70
CA GLY A 13 -9.60 2.20 -10.04
C GLY A 13 -8.73 3.10 -10.87
N HIS A 14 -8.70 2.75 -12.17
CA HIS A 14 -7.87 3.36 -13.20
C HIS A 14 -6.40 3.33 -12.81
N THR A 15 -5.94 2.14 -12.46
CA THR A 15 -4.56 1.87 -12.11
C THR A 15 -3.74 1.63 -13.37
N PRO A 16 -2.46 1.99 -13.36
CA PRO A 16 -1.65 1.84 -14.58
C PRO A 16 -1.28 0.38 -14.83
N LEU A 17 -1.10 0.07 -16.11
CA LEU A 17 -0.63 -1.23 -16.56
C LEU A 17 0.77 -1.01 -17.14
N VAL A 18 1.79 -1.43 -16.40
CA VAL A 18 3.17 -1.06 -16.66
C VAL A 18 3.91 -2.27 -17.20
N ARG A 19 4.62 -2.07 -18.31
CA ARG A 19 5.42 -3.13 -18.93
C ARG A 19 6.70 -3.35 -18.14
N LEU A 20 6.96 -4.60 -17.78
CA LEU A 20 8.16 -4.95 -17.01
C LEU A 20 9.28 -5.28 -17.99
N ASN A 21 10.32 -4.43 -18.01
CA ASN A 21 11.34 -4.49 -19.03
C ASN A 21 12.53 -5.36 -18.65
N ARG A 22 12.87 -5.42 -17.37
CA ARG A 22 14.04 -6.17 -16.91
C ARG A 22 13.68 -7.44 -16.16
N ILE A 23 12.41 -7.72 -15.93
CA ILE A 23 11.95 -8.97 -15.37
C ILE A 23 11.18 -9.70 -16.46
N GLY A 24 11.76 -10.75 -17.00
CA GLY A 24 11.13 -11.48 -18.07
C GLY A 24 11.60 -11.00 -19.43
N ASN A 25 10.76 -11.19 -20.45
CA ASN A 25 11.14 -10.90 -21.82
C ASN A 25 10.55 -9.60 -22.34
N GLY A 26 9.94 -8.80 -21.49
CA GLY A 26 9.29 -7.59 -21.93
C GLY A 26 7.84 -7.72 -22.29
N ARG A 27 7.22 -8.86 -22.02
CA ARG A 27 5.81 -9.06 -22.31
C ARG A 27 4.97 -9.33 -21.06
N ILE A 28 5.58 -9.29 -19.88
CA ILE A 28 4.82 -9.29 -18.63
C ILE A 28 4.33 -7.87 -18.39
N LEU A 29 3.02 -7.71 -18.23
CA LEU A 29 2.40 -6.42 -17.97
C LEU A 29 1.84 -6.43 -16.56
N ALA A 30 2.18 -5.42 -15.77
CA ALA A 30 1.87 -5.38 -14.35
C ALA A 30 0.83 -4.31 -14.08
N LYS A 31 -0.29 -4.69 -13.49
CA LYS A 31 -1.35 -3.75 -13.12
C LYS A 31 -1.17 -3.39 -11.66
N VAL A 32 -0.71 -2.16 -11.40
CA VAL A 32 -0.28 -1.73 -10.07
C VAL A 32 -1.48 -1.32 -9.25
N GLU A 33 -1.99 -2.25 -8.44
CA GLU A 33 -3.19 -2.02 -7.64
C GLU A 33 -2.91 -1.29 -6.34
N SER A 34 -1.68 -0.88 -6.07
CA SER A 34 -1.38 -0.02 -4.94
C SER A 34 -1.63 1.46 -5.24
N ARG A 35 -2.13 1.77 -6.43
CA ARG A 35 -2.52 3.13 -6.81
C ARG A 35 -3.99 3.37 -6.51
N ASN A 36 -4.37 3.07 -5.28
CA ASN A 36 -5.72 3.12 -4.74
C ASN A 36 -5.67 3.96 -3.47
N PRO A 37 -6.81 4.52 -3.02
CA PRO A 37 -6.74 5.50 -1.92
C PRO A 37 -6.36 4.95 -0.55
N SER A 38 -6.32 3.63 -0.35
CA SER A 38 -5.66 3.05 0.82
C SER A 38 -4.59 2.07 0.40
N PHE A 39 -4.20 2.11 -0.88
CA PHE A 39 -2.98 1.53 -1.43
C PHE A 39 -3.01 -0.01 -1.38
N SER A 40 -4.11 -0.58 -1.84
CA SER A 40 -4.25 -2.03 -1.94
C SER A 40 -5.28 -2.34 -3.02
N VAL A 41 -5.44 -3.63 -3.30
CA VAL A 41 -6.43 -4.07 -4.25
C VAL A 41 -7.79 -4.10 -3.55
N1 LLP A 42 -2.38 -9.58 -2.04
C2 LLP A 42 -2.78 -8.79 -1.05
C2' LLP A 42 -1.77 -7.84 -0.34
C3 LLP A 42 -4.12 -8.83 -0.61
O3 LLP A 42 -4.55 -8.01 0.44
C4 LLP A 42 -5.02 -9.66 -1.22
C4' LLP A 42 -6.54 -9.66 -0.68
C5 LLP A 42 -4.63 -10.46 -2.24
C6 LLP A 42 -3.31 -10.43 -2.67
C5' LLP A 42 -5.64 -11.43 -2.95
OP4 LLP A 42 -6.58 -10.75 -3.75
P LLP A 42 -7.99 -11.36 -3.88
OP1 LLP A 42 -7.91 -12.74 -4.52
OP2 LLP A 42 -8.60 -11.45 -2.56
OP3 LLP A 42 -8.84 -10.48 -4.72
N LLP A 42 -7.74 -4.05 -2.22
CA LLP A 42 -8.92 -4.16 -1.37
CB LLP A 42 -8.45 -4.44 0.03
CG LLP A 42 -7.78 -5.80 0.03
CD LLP A 42 -8.87 -6.87 -0.17
CE LLP A 42 -8.27 -8.27 0.02
NZ LLP A 42 -7.02 -8.33 -0.74
C LLP A 42 -9.78 -2.95 -1.36
O LLP A 42 -10.89 -3.03 -0.87
N CYS A 43 -9.30 -1.84 -1.91
CA CYS A 43 -10.07 -0.60 -1.94
C CYS A 43 -11.27 -0.68 -2.85
N ARG A 44 -11.18 -1.57 -3.84
CA ARG A 44 -12.31 -1.84 -4.72
C ARG A 44 -13.46 -2.47 -3.95
N ILE A 45 -13.15 -3.48 -3.14
CA ILE A 45 -14.21 -4.25 -2.51
C ILE A 45 -14.70 -3.56 -1.24
N GLY A 46 -13.85 -2.82 -0.53
CA GLY A 46 -14.32 -2.03 0.60
C GLY A 46 -15.18 -0.86 0.20
N ALA A 47 -15.09 -0.43 -1.06
CA ALA A 47 -16.02 0.55 -1.59
C ALA A 47 -17.30 -0.12 -2.08
N ASN A 48 -17.18 -1.21 -2.84
CA ASN A 48 -18.38 -1.77 -3.47
C ASN A 48 -19.25 -2.53 -2.49
N MET A 49 -18.69 -3.12 -1.43
CA MET A 49 -19.54 -3.81 -0.45
C MET A 49 -20.40 -2.81 0.32
N ILE A 50 -19.85 -1.65 0.64
CA ILE A 50 -20.63 -0.61 1.31
C ILE A 50 -21.60 0.05 0.33
N TRP A 51 -21.23 0.19 -0.96
CA TRP A 51 -22.16 0.70 -1.96
C TRP A 51 -23.33 -0.26 -2.19
N ASP A 52 -23.04 -1.57 -2.21
CA ASP A 52 -24.08 -2.57 -2.37
C ASP A 52 -24.98 -2.64 -1.16
N ALA A 53 -24.41 -2.48 0.04
CA ALA A 53 -25.21 -2.42 1.26
C ALA A 53 -26.07 -1.17 1.30
N GLU A 54 -25.61 -0.07 0.68
CA GLU A 54 -26.48 1.10 0.55
C GLU A 54 -27.59 0.85 -0.47
N LYS A 55 -27.28 0.14 -1.56
CA LYS A 55 -28.28 -0.03 -2.61
C LYS A 55 -29.33 -1.07 -2.28
N ARG A 56 -28.96 -2.13 -1.55
CA ARG A 56 -29.96 -3.12 -1.17
C ARG A 56 -30.68 -2.77 0.12
N GLY A 57 -30.43 -1.57 0.66
CA GLY A 57 -31.26 -1.01 1.71
C GLY A 57 -30.96 -1.50 3.11
N VAL A 58 -29.87 -2.23 3.30
CA VAL A 58 -29.59 -2.79 4.62
C VAL A 58 -28.71 -1.85 5.46
N LEU A 59 -27.93 -0.99 4.83
CA LEU A 59 -27.05 -0.06 5.54
C LEU A 59 -27.72 1.30 5.55
N LYS A 60 -28.22 1.69 6.70
CA LYS A 60 -28.99 2.91 6.92
C LYS A 60 -28.19 3.81 7.85
N PRO A 61 -28.58 5.06 8.06
CA PRO A 61 -28.03 5.81 9.19
C PRO A 61 -28.46 5.18 10.51
N GLY A 62 -27.48 4.77 11.30
CA GLY A 62 -27.70 4.05 12.54
C GLY A 62 -27.21 2.62 12.53
N VAL A 63 -26.84 2.09 11.38
CA VAL A 63 -26.35 0.71 11.27
C VAL A 63 -24.83 0.75 11.20
N GLU A 64 -24.18 0.05 12.13
CA GLU A 64 -22.74 -0.02 12.21
C GLU A 64 -22.21 -1.22 11.44
N LEU A 65 -20.92 -1.22 11.18
CA LEU A 65 -20.28 -2.24 10.36
C LEU A 65 -19.30 -3.04 11.20
N VAL A 66 -19.37 -4.37 11.07
CA VAL A 66 -18.48 -5.29 11.79
C VAL A 66 -17.85 -6.21 10.76
N GLU A 67 -16.52 -6.37 10.84
CA GLU A 67 -15.77 -7.34 10.03
C GLU A 67 -14.55 -7.94 10.71
N PRO A 68 -14.40 -9.26 10.70
CA PRO A 68 -13.16 -9.90 11.15
C PRO A 68 -12.10 -9.89 10.08
N THR A 69 -11.06 -9.10 10.28
CA THR A 69 -9.97 -9.02 9.31
C THR A 69 -8.68 -8.61 10.01
N SER A 70 -7.57 -9.09 9.46
CA SER A 70 -6.23 -8.73 9.91
C SER A 70 -5.35 -8.26 8.76
N GLY A 71 -5.93 -7.98 7.59
CA GLY A 71 -5.17 -7.56 6.44
C GLY A 71 -5.55 -6.19 5.93
N ASN A 72 -5.63 -6.05 4.60
CA ASN A 72 -5.89 -4.77 3.96
C ASN A 72 -7.37 -4.44 3.83
N THR A 73 -8.25 -5.43 4.02
CA THR A 73 -9.68 -5.16 3.99
C THR A 73 -10.11 -4.28 5.15
N GLY A 74 -9.42 -4.36 6.29
CA GLY A 74 -9.70 -3.46 7.39
C GLY A 74 -9.36 -2.02 7.07
N ILE A 75 -8.25 -1.79 6.38
CA ILE A 75 -7.87 -0.45 5.99
C ILE A 75 -8.82 0.09 4.93
N ALA A 76 -9.28 -0.78 4.02
CA ALA A 76 -10.24 -0.37 3.00
C ALA A 76 -11.59 -0.01 3.60
N LEU A 77 -12.11 -0.86 4.49
CA LEU A 77 -13.37 -0.57 5.15
C LEU A 77 -13.24 0.63 6.08
N ALA A 78 -12.06 0.87 6.64
CA ALA A 78 -11.84 2.03 7.49
C ALA A 78 -11.92 3.33 6.69
N TYR A 79 -11.28 3.39 5.52
CA TYR A 79 -11.33 4.65 4.80
C TYR A 79 -12.71 4.85 4.16
N VAL A 80 -13.40 3.78 3.75
CA VAL A 80 -14.72 4.00 3.16
C VAL A 80 -15.76 4.35 4.24
N ALA A 81 -15.66 3.75 5.43
CA ALA A 81 -16.54 4.13 6.53
C ALA A 81 -16.25 5.54 7.02
N ALA A 82 -15.00 6.01 6.89
CA ALA A 82 -14.70 7.38 7.25
C ALA A 82 -15.18 8.36 6.18
N ALA A 83 -15.05 7.99 4.90
CA ALA A 83 -15.42 8.88 3.81
C ALA A 83 -16.93 9.00 3.66
N ARG A 84 -17.66 7.90 3.87
CA ARG A 84 -19.10 7.89 3.68
C ARG A 84 -19.88 8.04 4.99
N GLY A 85 -19.19 8.30 6.09
CA GLY A 85 -19.85 8.70 7.32
C GLY A 85 -20.39 7.60 8.19
N TYR A 86 -19.89 6.37 8.05
CA TYR A 86 -20.38 5.25 8.83
C TYR A 86 -19.41 4.91 9.95
N LYS A 87 -19.83 3.98 10.80
CA LYS A 87 -19.01 3.50 11.91
C LYS A 87 -18.54 2.08 11.63
N LEU A 88 -17.46 1.69 12.29
CA LEU A 88 -16.82 0.41 12.00
C LEU A 88 -16.14 -0.13 13.25
N THR A 89 -16.36 -1.40 13.53
CA THR A 89 -15.63 -2.14 14.55
C THR A 89 -14.96 -3.34 13.87
N LEU A 90 -13.65 -3.36 13.89
CA LEU A 90 -12.87 -4.43 13.28
C LEU A 90 -12.38 -5.37 14.37
N THR A 91 -12.66 -6.66 14.23
CA THR A 91 -12.18 -7.66 15.17
C THR A 91 -10.97 -8.36 14.58
N MET A 92 -9.95 -8.59 15.42
CA MET A 92 -8.64 -9.00 14.97
C MET A 92 -7.88 -9.58 16.16
N PRO A 93 -6.91 -10.47 15.93
CA PRO A 93 -6.15 -11.04 17.05
C PRO A 93 -5.18 -10.04 17.67
N GLU A 94 -4.69 -10.39 18.85
CA GLU A 94 -3.71 -9.58 19.57
C GLU A 94 -2.32 -9.64 18.98
N THR A 95 -2.07 -10.55 18.05
CA THR A 95 -0.72 -10.74 17.54
C THR A 95 -0.26 -9.61 16.64
N MET A 96 -1.17 -8.91 16.00
CA MET A 96 -0.77 -7.95 14.99
C MET A 96 -0.24 -6.66 15.61
N SER A 97 0.52 -5.93 14.81
CA SER A 97 1.48 -4.94 15.26
C SER A 97 0.80 -3.67 15.76
N ILE A 98 1.61 -2.81 16.38
CA ILE A 98 1.11 -1.55 16.88
C ILE A 98 0.98 -0.52 15.77
N GLU A 99 1.69 -0.70 14.66
CA GLU A 99 1.62 0.25 13.56
C GLU A 99 0.30 0.10 12.79
N ARG A 100 -0.13 -1.14 12.56
CA ARG A 100 -1.43 -1.37 11.95
C ARG A 100 -2.56 -0.91 12.84
N ARG A 101 -2.39 -1.03 14.16
CA ARG A 101 -3.42 -0.55 15.08
C ARG A 101 -3.46 0.98 15.11
N LYS A 102 -2.31 1.64 15.02
CA LYS A 102 -2.30 3.10 14.96
C LYS A 102 -2.92 3.59 13.65
N LEU A 103 -2.67 2.90 12.55
CA LEU A 103 -3.24 3.30 11.27
C LEU A 103 -4.76 3.08 11.25
N LEU A 104 -5.23 1.97 11.82
CA LEU A 104 -6.66 1.71 11.82
C LEU A 104 -7.40 2.54 12.86
N LYS A 105 -6.76 2.91 13.97
CA LYS A 105 -7.43 3.73 14.96
C LYS A 105 -7.42 5.20 14.60
N ALA A 106 -6.34 5.67 13.96
CA ALA A 106 -6.25 7.05 13.51
C ALA A 106 -7.10 7.32 12.29
N LEU A 107 -7.63 6.29 11.63
CA LEU A 107 -8.49 6.44 10.48
C LEU A 107 -9.96 6.25 10.86
N GLY A 108 -10.25 5.89 12.11
CA GLY A 108 -11.61 5.96 12.64
C GLY A 108 -12.19 4.66 13.15
N ALA A 109 -11.47 3.56 13.20
CA ALA A 109 -12.08 2.28 13.54
C ALA A 109 -12.02 2.01 15.05
N ASN A 110 -12.83 1.05 15.48
CA ASN A 110 -12.91 0.62 16.88
C ASN A 110 -12.40 -0.81 16.96
N LEU A 111 -11.14 -0.96 17.34
CA LEU A 111 -10.47 -2.25 17.28
C LEU A 111 -10.86 -3.13 18.46
N VAL A 112 -11.31 -4.33 18.18
CA VAL A 112 -11.58 -5.35 19.18
C VAL A 112 -10.52 -6.42 19.05
N LEU A 113 -9.60 -6.47 20.01
CA LEU A 113 -8.43 -7.34 19.95
C LEU A 113 -8.77 -8.67 20.63
N THR A 114 -8.80 -9.74 19.83
CA THR A 114 -9.16 -11.05 20.30
C THR A 114 -7.91 -11.86 20.66
N GLU A 115 -8.13 -12.98 21.35
CA GLU A 115 -7.06 -13.76 21.94
C GLU A 115 -6.22 -14.42 20.86
N GLY A 116 -4.90 -14.30 20.99
CA GLY A 116 -3.99 -14.66 19.92
C GLY A 116 -3.79 -16.14 19.68
N ALA A 117 -3.98 -16.98 20.70
CA ALA A 117 -3.87 -18.41 20.49
C ALA A 117 -5.05 -18.96 19.71
N LYS A 118 -6.23 -18.39 19.92
CA LYS A 118 -7.38 -18.75 19.09
C LYS A 118 -7.23 -18.20 17.69
N GLY A 119 -6.76 -16.97 17.57
CA GLY A 119 -6.45 -16.38 16.30
C GLY A 119 -7.65 -15.98 15.47
N MET A 120 -7.72 -16.54 14.27
CA MET A 120 -8.61 -15.95 13.28
C MET A 120 -10.06 -16.35 13.51
N LYS A 121 -10.33 -17.58 13.95
CA LYS A 121 -11.72 -17.90 14.21
C LYS A 121 -12.18 -17.30 15.54
N GLY A 122 -11.24 -16.94 16.42
CA GLY A 122 -11.61 -16.15 17.58
C GLY A 122 -12.07 -14.75 17.18
N ALA A 123 -11.37 -14.15 16.21
CA ALA A 123 -11.83 -12.88 15.63
C ALA A 123 -13.19 -13.02 14.97
N ILE A 124 -13.40 -14.11 14.22
CA ILE A 124 -14.67 -14.33 13.52
C ILE A 124 -15.81 -14.54 14.51
N GLN A 125 -15.58 -15.33 15.57
CA GLN A 125 -16.61 -15.57 16.57
C GLN A 125 -16.92 -14.32 17.38
N LYS A 126 -15.93 -13.48 17.68
CA LYS A 126 -16.20 -12.23 18.38
C LYS A 126 -17.03 -11.30 17.52
N ALA A 127 -16.74 -11.24 16.21
CA ALA A 127 -17.57 -10.46 15.29
C ALA A 127 -18.98 -11.00 15.23
N GLU A 128 -19.14 -12.33 15.29
CA GLU A 128 -20.48 -12.91 15.23
C GLU A 128 -21.29 -12.64 16.50
N GLU A 129 -20.68 -12.66 17.69
CA GLU A 129 -21.49 -12.32 18.86
C GLU A 129 -21.77 -10.83 18.96
N ILE A 130 -20.84 -9.99 18.47
CA ILE A 130 -21.10 -8.55 18.37
C ILE A 130 -22.30 -8.28 17.47
N VAL A 131 -22.40 -8.99 16.34
CA VAL A 131 -23.54 -8.81 15.46
C VAL A 131 -24.81 -9.37 16.09
N ALA A 132 -24.76 -10.56 16.66
CA ALA A 132 -25.95 -11.20 17.17
C ALA A 132 -26.44 -10.65 18.50
N SER A 133 -25.70 -9.75 19.14
CA SER A 133 -26.25 -9.07 20.31
C SER A 133 -27.40 -8.15 19.92
N ASN A 134 -27.29 -7.51 18.76
CA ASN A 134 -28.33 -6.59 18.26
C ASN A 134 -28.25 -6.62 16.75
N PRO A 135 -29.00 -7.51 16.09
CA PRO A 135 -28.82 -7.71 14.65
C PRO A 135 -29.35 -6.59 13.78
N GLU A 136 -30.21 -5.73 14.29
CA GLU A 136 -30.71 -4.60 13.52
C GLU A 136 -29.83 -3.35 13.68
N LYS A 137 -28.75 -3.44 14.44
CA LYS A 137 -27.83 -2.34 14.63
C LYS A 137 -26.49 -2.54 13.97
N TYR A 138 -26.05 -3.78 13.80
CA TYR A 138 -24.76 -4.09 13.22
C TYR A 138 -24.94 -4.73 11.85
N LEU A 139 -23.88 -4.69 11.05
CA LEU A 139 -23.89 -5.30 9.73
C LEU A 139 -22.57 -6.02 9.51
N LEU A 140 -22.63 -7.25 9.02
CA LEU A 140 -21.48 -8.07 8.73
C LEU A 140 -21.32 -8.14 7.21
N LEU A 141 -20.11 -7.89 6.71
CA LEU A 141 -19.93 -7.75 5.27
C LEU A 141 -19.64 -9.08 4.57
N GLN A 142 -18.87 -9.97 5.23
CA GLN A 142 -18.56 -11.33 4.76
C GLN A 142 -17.84 -11.31 3.41
N GLN A 143 -16.58 -10.85 3.46
CA GLN A 143 -15.78 -10.66 2.24
C GLN A 143 -15.49 -11.94 1.47
N PHE A 144 -15.61 -13.11 2.09
CA PHE A 144 -15.37 -14.37 1.40
C PHE A 144 -16.62 -14.94 0.75
N SER A 145 -17.76 -14.28 0.90
CA SER A 145 -19.00 -14.77 0.29
C SER A 145 -19.82 -13.68 -0.39
N ASN A 146 -19.51 -12.41 -0.23
CA ASN A 146 -20.29 -11.32 -0.78
C ASN A 146 -20.01 -11.19 -2.28
N PRO A 147 -21.04 -11.22 -3.14
CA PRO A 147 -20.80 -11.06 -4.58
C PRO A 147 -20.42 -9.66 -5.03
N ALA A 148 -20.44 -8.67 -4.15
CA ALA A 148 -19.84 -7.37 -4.47
C ALA A 148 -18.34 -7.48 -4.69
N ASN A 149 -17.70 -8.39 -3.96
CA ASN A 149 -16.26 -8.65 -4.07
C ASN A 149 -15.84 -9.09 -5.47
N PRO A 150 -16.52 -9.99 -6.19
CA PRO A 150 -16.18 -10.15 -7.61
C PRO A 150 -16.91 -9.25 -8.59
N GLU A 151 -18.04 -8.62 -8.24
CA GLU A 151 -18.66 -7.80 -9.28
C GLU A 151 -17.98 -6.43 -9.41
N ILE A 152 -17.23 -5.99 -8.39
CA ILE A 152 -16.43 -4.79 -8.58
C ILE A 152 -15.29 -5.07 -9.55
N HIS A 153 -14.78 -6.30 -9.58
CA HIS A 153 -13.73 -6.61 -10.53
C HIS A 153 -14.29 -6.96 -11.89
N GLU A 154 -15.54 -7.40 -11.93
CA GLU A 154 -16.22 -7.59 -13.22
C GLU A 154 -16.54 -6.24 -13.87
N LYS A 155 -16.80 -5.21 -13.07
CA LYS A 155 -17.24 -3.94 -13.61
C LYS A 155 -16.17 -2.85 -13.63
N THR A 156 -15.04 -3.01 -12.94
CA THR A 156 -13.98 -2.02 -13.03
C THR A 156 -12.70 -2.56 -13.67
N THR A 157 -12.05 -3.56 -13.09
CA THR A 157 -10.68 -3.84 -13.49
C THR A 157 -10.59 -4.72 -14.74
N GLY A 158 -11.61 -5.53 -15.01
CA GLY A 158 -11.77 -6.22 -16.27
C GLY A 158 -11.78 -5.31 -17.50
N PRO A 159 -12.68 -4.32 -17.53
CA PRO A 159 -12.64 -3.34 -18.63
C PRO A 159 -11.37 -2.52 -18.69
N GLU A 160 -10.70 -2.30 -17.56
CA GLU A 160 -9.43 -1.59 -17.59
C GLU A 160 -8.34 -2.42 -18.27
N ILE A 161 -8.29 -3.73 -17.98
CA ILE A 161 -7.33 -4.60 -18.66
C ILE A 161 -7.67 -4.73 -20.13
N TRP A 162 -8.96 -4.84 -20.45
CA TRP A 162 -9.38 -4.98 -21.85
C TRP A 162 -9.12 -3.71 -22.66
N GLU A 163 -9.19 -2.54 -22.03
CA GLU A 163 -8.96 -1.30 -22.73
C GLU A 163 -7.52 -0.83 -22.68
N ASP A 164 -6.69 -1.40 -21.80
CA ASP A 164 -5.28 -1.09 -21.85
C ASP A 164 -4.51 -2.04 -22.76
N THR A 165 -4.86 -3.32 -22.77
CA THR A 165 -4.23 -4.26 -23.68
C THR A 165 -4.82 -4.22 -25.08
N ASP A 166 -5.90 -3.45 -25.27
CA ASP A 166 -6.71 -3.41 -26.50
C ASP A 166 -7.20 -4.80 -26.88
N GLY A 167 -7.58 -5.58 -25.87
CA GLY A 167 -8.09 -6.91 -26.09
C GLY A 167 -7.06 -7.96 -26.40
N GLN A 168 -5.77 -7.65 -26.26
CA GLN A 168 -4.71 -8.58 -26.61
C GLN A 168 -4.19 -9.36 -25.42
N VAL A 169 -4.94 -9.39 -24.32
CA VAL A 169 -4.55 -10.17 -23.16
C VAL A 169 -4.74 -11.65 -23.47
N ASP A 170 -3.73 -12.46 -23.19
CA ASP A 170 -3.78 -13.88 -23.45
C ASP A 170 -3.60 -14.73 -22.21
N VAL A 171 -2.85 -14.25 -21.21
CA VAL A 171 -2.69 -14.93 -19.94
C VAL A 171 -2.92 -13.91 -18.84
N PHE A 172 -3.86 -14.21 -17.94
CA PHE A 172 -4.14 -13.38 -16.77
C PHE A 172 -3.72 -14.14 -15.53
N ILE A 173 -2.88 -13.53 -14.71
CA ILE A 173 -2.28 -14.16 -13.54
C ILE A 173 -2.57 -13.32 -12.32
N ALA A 174 -3.21 -13.92 -11.31
CA ALA A 174 -3.56 -13.23 -10.09
C ALA A 174 -3.60 -14.20 -8.92
N GLY A 175 -3.09 -13.76 -7.78
CA GLY A 175 -3.18 -14.57 -6.58
C GLY A 175 -4.58 -14.59 -6.00
N VAL A 176 -4.87 -15.61 -5.21
CA VAL A 176 -6.21 -15.88 -4.71
C VAL A 176 -6.16 -15.81 -3.18
N GLY A 177 -6.59 -14.69 -2.62
CA GLY A 177 -6.90 -14.63 -1.21
C GLY A 177 -8.37 -14.79 -0.93
N THR A 178 -9.20 -13.96 -1.57
CA THR A 178 -10.64 -14.12 -1.55
C THR A 178 -11.18 -14.67 -2.85
N GLY A 179 -10.39 -14.63 -3.92
CA GLY A 179 -10.81 -15.14 -5.20
C GLY A 179 -11.67 -14.21 -6.02
N GLY A 180 -11.92 -13.00 -5.54
CA GLY A 180 -12.81 -12.10 -6.25
C GLY A 180 -12.19 -11.46 -7.47
N THR A 181 -10.90 -11.15 -7.41
CA THR A 181 -10.20 -10.50 -8.52
C THR A 181 -10.13 -11.41 -9.74
N LEU A 182 -9.71 -12.66 -9.52
CA LEU A 182 -9.56 -13.63 -10.60
C LEU A 182 -10.91 -13.93 -11.26
N THR A 183 -11.95 -14.13 -10.45
CA THR A 183 -13.25 -14.45 -11.02
C THR A 183 -13.90 -13.25 -11.69
N GLY A 184 -13.70 -12.04 -11.17
CA GLY A 184 -14.22 -10.87 -11.84
C GLY A 184 -13.59 -10.61 -13.19
N VAL A 185 -12.25 -10.64 -13.25
CA VAL A 185 -11.56 -10.38 -14.51
C VAL A 185 -11.81 -11.50 -15.50
N SER A 186 -11.80 -12.76 -15.03
CA SER A 186 -12.07 -13.89 -15.90
C SER A 186 -13.50 -13.89 -16.41
N ARG A 187 -14.45 -13.47 -15.58
CA ARG A 187 -15.84 -13.44 -16.02
C ARG A 187 -16.08 -12.33 -17.04
N TYR A 188 -15.42 -11.17 -16.86
CA TYR A 188 -15.58 -10.11 -17.84
C TYR A 188 -14.93 -10.47 -19.18
N ILE A 189 -13.72 -11.03 -19.15
CA ILE A 189 -13.06 -11.28 -20.41
C ILE A 189 -13.65 -12.50 -21.12
N LYS A 190 -13.97 -13.56 -20.38
CA LYS A 190 -14.39 -14.79 -21.00
C LYS A 190 -15.90 -14.84 -21.27
N GLY A 191 -16.70 -14.26 -20.39
CA GLY A 191 -18.14 -14.33 -20.59
C GLY A 191 -18.76 -13.11 -21.21
N THR A 192 -18.42 -11.93 -20.67
CA THR A 192 -19.06 -10.70 -21.12
C THR A 192 -18.57 -10.28 -22.50
N LYS A 193 -17.26 -10.35 -22.72
CA LYS A 193 -16.69 -9.88 -23.97
C LYS A 193 -16.41 -11.00 -24.96
N GLY A 194 -16.18 -12.22 -24.48
CA GLY A 194 -16.26 -13.38 -25.33
C GLY A 194 -14.94 -13.97 -25.78
N LYS A 195 -13.90 -13.87 -24.96
CA LYS A 195 -12.60 -14.43 -25.27
C LYS A 195 -12.41 -15.65 -24.37
N THR A 196 -12.82 -16.81 -24.88
CA THR A 196 -12.73 -18.07 -24.15
C THR A 196 -11.34 -18.67 -24.19
N ASP A 197 -10.39 -18.05 -24.88
CA ASP A 197 -9.02 -18.54 -24.98
C ASP A 197 -8.12 -17.98 -23.90
N LEU A 198 -8.65 -17.21 -22.96
CA LEU A 198 -7.84 -16.65 -21.89
C LEU A 198 -7.44 -17.73 -20.90
N ILE A 199 -6.18 -17.74 -20.52
CA ILE A 199 -5.65 -18.69 -19.54
C ILE A 199 -5.60 -17.98 -18.21
N SER A 200 -6.53 -18.31 -17.33
CA SER A 200 -6.57 -17.74 -15.99
C SER A 200 -5.74 -18.59 -15.06
N VAL A 201 -4.69 -18.00 -14.50
CA VAL A 201 -3.71 -18.69 -13.70
C VAL A 201 -3.80 -18.15 -12.27
N ALA A 202 -3.98 -19.05 -11.31
CA ALA A 202 -4.01 -18.70 -9.91
C ALA A 202 -2.65 -18.94 -9.27
N VAL A 203 -2.23 -18.00 -8.43
CA VAL A 203 -0.97 -18.09 -7.70
C VAL A 203 -1.30 -18.51 -6.27
N GLU A 204 -0.52 -19.42 -5.73
CA GLU A 204 -0.81 -20.03 -4.44
C GLU A 204 0.51 -20.31 -3.74
N PRO A 205 0.52 -20.36 -2.42
CA PRO A 205 1.73 -20.81 -1.72
C PRO A 205 1.93 -22.31 -1.86
N THR A 206 3.20 -22.70 -1.95
CA THR A 206 3.53 -24.13 -1.93
C THR A 206 3.32 -24.75 -0.57
N ASP A 207 3.28 -23.94 0.48
CA ASP A 207 3.06 -24.42 1.83
C ASP A 207 1.59 -24.57 2.19
N SER A 208 0.69 -24.03 1.37
CA SER A 208 -0.75 -24.28 1.53
C SER A 208 -1.42 -24.36 0.15
N PRO A 209 -1.20 -25.46 -0.59
CA PRO A 209 -1.71 -25.50 -1.97
C PRO A 209 -3.13 -26.04 -2.09
N VAL A 210 -4.11 -25.31 -1.56
CA VAL A 210 -5.45 -25.87 -1.46
C VAL A 210 -6.24 -25.78 -2.77
N ILE A 211 -5.88 -24.89 -3.70
CA ILE A 211 -6.58 -24.84 -4.99
C ILE A 211 -6.19 -26.03 -5.84
N ALA A 212 -4.92 -26.44 -5.77
CA ALA A 212 -4.47 -27.63 -6.50
C ALA A 212 -5.06 -28.90 -5.91
N GLN A 213 -5.17 -28.96 -4.58
CA GLN A 213 -5.81 -30.09 -3.92
C GLN A 213 -7.32 -30.11 -4.20
N ALA A 214 -7.93 -28.95 -4.42
CA ALA A 214 -9.34 -28.92 -4.76
C ALA A 214 -9.58 -29.33 -6.20
N LEU A 215 -8.68 -28.95 -7.11
CA LEU A 215 -8.84 -29.33 -8.50
C LEU A 215 -8.52 -30.80 -8.71
N ALA A 216 -7.55 -31.34 -7.98
CA ALA A 216 -7.18 -32.74 -8.16
C ALA A 216 -8.21 -33.68 -7.58
N GLY A 217 -8.89 -33.28 -6.51
CA GLY A 217 -9.79 -34.15 -5.78
C GLY A 217 -9.29 -34.54 -4.41
N GLU A 218 -8.10 -34.09 -4.02
CA GLU A 218 -7.48 -34.44 -2.76
C GLU A 218 -8.17 -33.72 -1.60
N GLU A 219 -7.79 -34.09 -0.39
CA GLU A 219 -8.34 -33.43 0.78
C GLU A 219 -7.70 -32.04 0.94
N ILE A 220 -8.54 -31.08 1.31
CA ILE A 220 -8.10 -29.71 1.51
C ILE A 220 -7.37 -29.64 2.85
N LYS A 221 -6.09 -29.26 2.81
CA LYS A 221 -5.24 -29.38 3.98
C LYS A 221 -4.20 -28.26 3.98
N PRO A 222 -4.45 -27.17 4.70
CA PRO A 222 -3.60 -25.98 4.61
C PRO A 222 -2.37 -26.04 5.49
N GLY A 223 -1.59 -24.95 5.45
CA GLY A 223 -0.41 -24.79 6.28
C GLY A 223 0.00 -23.33 6.36
N PRO A 224 1.05 -23.03 7.12
CA PRO A 224 1.51 -21.65 7.23
C PRO A 224 2.51 -21.23 6.17
N HIS A 225 2.45 -19.95 5.80
CA HIS A 225 3.28 -19.40 4.74
C HIS A 225 3.55 -17.92 5.00
N LYS A 226 4.52 -17.38 4.28
CA LYS A 226 4.94 -15.99 4.43
C LYS A 226 4.41 -15.08 3.33
N ILE A 227 3.73 -15.62 2.32
CA ILE A 227 3.21 -14.81 1.24
C ILE A 227 1.86 -14.26 1.70
N GLN A 228 1.88 -13.11 2.35
CA GLN A 228 0.69 -12.57 3.00
C GLN A 228 -0.17 -11.80 2.02
N GLY A 229 -1.48 -12.07 2.08
CA GLY A 229 -2.44 -11.55 1.14
C GLY A 229 -3.20 -12.65 0.46
N ILE A 230 -2.50 -13.74 0.14
CA ILE A 230 -3.12 -14.88 -0.54
C ILE A 230 -3.03 -16.10 0.37
N GLY A 231 -3.54 -17.23 -0.11
CA GLY A 231 -3.49 -18.46 0.66
C GLY A 231 -4.39 -18.45 1.88
N ALA A 232 -5.70 -18.43 1.65
CA ALA A 232 -6.65 -18.38 2.74
C ALA A 232 -6.70 -19.69 3.52
N GLY A 233 -6.41 -20.81 2.86
CA GLY A 233 -6.52 -22.10 3.48
C GLY A 233 -7.76 -22.88 3.12
N PHE A 234 -8.62 -22.31 2.28
CA PHE A 234 -9.83 -22.99 1.82
C PHE A 234 -10.20 -22.44 0.46
N ILE A 235 -11.31 -22.91 -0.07
CA ILE A 235 -11.84 -22.41 -1.33
C ILE A 235 -13.02 -21.51 -1.01
N PRO A 236 -12.86 -20.20 -1.05
CA PRO A 236 -13.96 -19.30 -0.70
C PRO A 236 -15.02 -19.29 -1.79
N ALA A 237 -16.20 -18.79 -1.41
CA ALA A 237 -17.34 -18.80 -2.32
C ALA A 237 -17.18 -17.82 -3.47
N ASN A 238 -16.29 -16.84 -3.34
CA ASN A 238 -16.03 -15.95 -4.47
C ASN A 238 -15.21 -16.65 -5.54
N LEU A 239 -14.31 -17.56 -5.15
CA LEU A 239 -13.51 -18.29 -6.13
C LEU A 239 -14.36 -19.31 -6.85
N ASP A 240 -14.30 -19.28 -8.18
CA ASP A 240 -15.05 -20.16 -9.06
C ASP A 240 -14.04 -20.99 -9.84
N LEU A 241 -13.97 -22.28 -9.53
CA LEU A 241 -12.93 -23.13 -10.07
C LEU A 241 -13.17 -23.54 -11.51
N LYS A 242 -14.35 -23.25 -12.07
CA LYS A 242 -14.57 -23.49 -13.48
C LYS A 242 -13.93 -22.43 -14.37
N LEU A 243 -13.48 -21.33 -13.78
CA LEU A 243 -12.78 -20.28 -14.51
C LEU A 243 -11.27 -20.42 -14.42
N VAL A 244 -10.76 -21.27 -13.54
CA VAL A 244 -9.32 -21.43 -13.31
C VAL A 244 -8.80 -22.48 -14.27
N ASP A 245 -7.90 -22.07 -15.17
CA ASP A 245 -7.31 -23.00 -16.12
C ASP A 245 -5.95 -23.53 -15.69
N LYS A 246 -5.30 -22.91 -14.71
CA LYS A 246 -3.98 -23.31 -14.29
C LYS A 246 -3.74 -22.78 -12.88
N VAL A 247 -2.93 -23.49 -12.12
CA VAL A 247 -2.52 -23.05 -10.79
C VAL A 247 -1.01 -23.23 -10.65
N ILE A 248 -0.34 -22.23 -10.08
CA ILE A 248 1.10 -22.24 -9.90
C ILE A 248 1.41 -21.98 -8.43
N GLY A 249 2.19 -22.86 -7.83
CA GLY A 249 2.65 -22.69 -6.46
C GLY A 249 4.01 -22.00 -6.41
N ILE A 250 4.15 -21.08 -5.46
CA ILE A 250 5.34 -20.26 -5.31
C ILE A 250 5.86 -20.40 -3.89
N THR A 251 7.16 -20.65 -3.75
CA THR A 251 7.74 -20.73 -2.41
C THR A 251 7.95 -19.33 -1.85
N ASN A 252 8.26 -19.27 -0.55
CA ASN A 252 8.34 -17.99 0.13
C ASN A 252 9.57 -17.20 -0.29
N GLU A 253 10.71 -17.89 -0.45
CA GLU A 253 11.96 -17.20 -0.74
C GLU A 253 12.00 -16.64 -2.16
N GLU A 254 11.41 -17.33 -3.13
CA GLU A 254 11.42 -16.78 -4.49
C GLU A 254 10.41 -15.66 -4.63
N ALA A 255 9.35 -15.68 -3.81
CA ALA A 255 8.42 -14.56 -3.74
C ALA A 255 9.10 -13.30 -3.18
N ILE A 256 9.84 -13.46 -2.08
CA ILE A 256 10.55 -12.32 -1.48
C ILE A 256 11.63 -11.81 -2.42
N SER A 257 12.37 -12.72 -3.06
CA SER A 257 13.43 -12.31 -3.98
C SER A 257 12.87 -11.62 -5.22
N THR A 258 11.69 -12.06 -5.69
CA THR A 258 11.10 -11.40 -6.85
C THR A 258 10.55 -10.03 -6.49
N ALA A 259 10.04 -9.86 -5.27
CA ALA A 259 9.64 -8.54 -4.81
C ALA A 259 10.83 -7.59 -4.71
N ARG A 260 11.96 -8.09 -4.21
CA ARG A 260 13.16 -7.26 -4.12
C ARG A 260 13.71 -6.93 -5.52
N ARG A 261 13.61 -7.88 -6.45
CA ARG A 261 13.97 -7.61 -7.84
C ARG A 261 13.07 -6.55 -8.45
N LEU A 262 11.77 -6.60 -8.14
CA LEU A 262 10.81 -5.69 -8.73
C LEU A 262 11.03 -4.26 -8.22
N MET A 263 11.33 -4.13 -6.93
CA MET A 263 11.73 -2.83 -6.37
C MET A 263 13.04 -2.33 -6.96
N GLU A 264 14.06 -3.18 -7.02
CA GLU A 264 15.40 -2.68 -7.33
C GLU A 264 15.60 -2.48 -8.82
N GLU A 265 14.86 -3.19 -9.67
CA GLU A 265 15.04 -3.13 -11.10
C GLU A 265 13.89 -2.46 -11.84
N GLU A 266 12.73 -2.26 -11.20
CA GLU A 266 11.60 -1.66 -11.87
C GLU A 266 11.12 -0.36 -11.23
N GLY A 267 11.42 -0.13 -9.97
CA GLY A 267 10.91 1.03 -9.29
C GLY A 267 9.51 0.88 -8.74
N ILE A 268 8.93 -0.32 -8.81
CA ILE A 268 7.59 -0.58 -8.30
C ILE A 268 7.71 -1.09 -6.88
N LEU A 269 7.15 -0.35 -5.93
CA LEU A 269 7.08 -0.84 -4.56
C LEU A 269 6.08 -1.98 -4.47
N ALA A 270 6.56 -3.14 -4.03
CA ALA A 270 5.79 -4.37 -4.16
C ALA A 270 5.90 -5.20 -2.89
N GLY A 271 4.84 -5.93 -2.57
CA GLY A 271 4.81 -6.84 -1.45
C GLY A 271 5.22 -8.24 -1.86
N ILE A 272 5.01 -9.18 -0.93
CA ILE A 272 5.42 -10.56 -1.17
C ILE A 272 4.47 -11.23 -2.16
N SER A 273 3.18 -10.89 -2.09
CA SER A 273 2.20 -11.45 -3.03
C SER A 273 2.43 -10.96 -4.45
N SER A 274 2.89 -9.71 -4.60
CA SER A 274 3.23 -9.16 -5.90
C SER A 274 4.40 -9.91 -6.53
N GLY A 275 5.45 -10.14 -5.73
CA GLY A 275 6.57 -10.92 -6.19
C GLY A 275 6.22 -12.36 -6.48
N ALA A 276 5.27 -12.91 -5.72
CA ALA A 276 4.80 -14.27 -5.99
C ALA A 276 4.10 -14.36 -7.34
N ALA A 277 3.26 -13.37 -7.65
CA ALA A 277 2.56 -13.37 -8.92
C ALA A 277 3.51 -13.15 -10.10
N VAL A 278 4.51 -12.29 -9.93
CA VAL A 278 5.48 -12.06 -11.00
C VAL A 278 6.39 -13.29 -11.19
N ALA A 279 6.73 -13.98 -10.09
CA ALA A 279 7.52 -15.20 -10.21
C ALA A 279 6.74 -16.33 -10.86
N ALA A 280 5.42 -16.36 -10.64
CA ALA A 280 4.57 -17.30 -11.37
C ALA A 280 4.55 -16.98 -12.86
N ALA A 281 4.56 -15.68 -13.21
CA ALA A 281 4.65 -15.29 -14.61
C ALA A 281 5.98 -15.71 -15.22
N LEU A 282 7.07 -15.63 -14.43
CA LEU A 282 8.38 -16.04 -14.92
C LEU A 282 8.46 -17.54 -15.15
N LYS A 283 8.04 -18.34 -14.17
CA LYS A 283 8.11 -19.79 -14.35
C LYS A 283 6.95 -20.33 -15.19
N LEU A 284 6.06 -19.49 -15.65
CA LEU A 284 5.22 -19.83 -16.79
C LEU A 284 5.87 -19.45 -18.12
N GLN A 285 6.64 -18.36 -18.17
CA GLN A 285 7.36 -18.01 -19.38
C GLN A 285 8.58 -18.89 -19.65
N GLU A 286 9.01 -19.70 -18.69
CA GLU A 286 10.05 -20.66 -19.02
C GLU A 286 9.56 -21.75 -19.98
N ASP A 287 8.25 -21.99 -20.05
CA ASP A 287 7.67 -22.79 -21.11
C ASP A 287 7.76 -22.03 -22.43
N GLU A 288 7.93 -22.78 -23.52
CA GLU A 288 8.18 -22.16 -24.82
C GLU A 288 6.91 -21.63 -25.45
N SER A 289 5.76 -22.25 -25.16
CA SER A 289 4.50 -21.83 -25.76
C SER A 289 3.99 -20.49 -25.24
N PHE A 290 4.53 -19.99 -24.13
CA PHE A 290 4.16 -18.69 -23.60
C PHE A 290 5.25 -17.64 -23.82
N THR A 291 5.98 -17.74 -24.93
CA THR A 291 7.06 -16.80 -25.18
C THR A 291 6.53 -15.49 -25.75
N ASN A 292 5.60 -15.55 -26.70
CA ASN A 292 5.01 -14.36 -27.29
C ASN A 292 3.54 -14.19 -26.93
N LYS A 293 3.20 -14.46 -25.66
CA LYS A 293 1.89 -14.17 -25.11
C LYS A 293 1.96 -12.91 -24.27
N ASN A 294 0.93 -12.08 -24.37
CA ASN A 294 0.80 -10.91 -23.52
C ASN A 294 0.26 -11.32 -22.16
N ILE A 295 1.07 -11.15 -21.12
CA ILE A 295 0.76 -11.66 -19.79
C ILE A 295 0.48 -10.50 -18.87
N VAL A 296 -0.73 -10.46 -18.31
CA VAL A 296 -1.16 -9.41 -17.41
C VAL A 296 -1.19 -9.97 -16.00
N VAL A 297 -0.49 -9.32 -15.09
CA VAL A 297 -0.29 -9.78 -13.73
C VAL A 297 -0.73 -8.68 -12.78
N ILE A 298 -1.31 -9.06 -11.64
CA ILE A 298 -1.87 -8.13 -10.68
C ILE A 298 -0.90 -7.97 -9.52
N LEU A 299 -0.58 -6.72 -9.20
CA LEU A 299 0.33 -6.37 -8.10
C LEU A 299 -0.47 -5.66 -7.01
N PRO A 300 -0.90 -6.38 -5.96
CA PRO A 300 -1.96 -5.85 -5.09
C PRO A 300 -1.53 -4.74 -4.15
N SER A 301 -0.39 -4.85 -3.52
CA SER A 301 -0.03 -3.92 -2.47
C SER A 301 1.40 -3.43 -2.66
N SER A 302 1.76 -2.42 -1.86
CA SER A 302 3.08 -1.83 -1.88
C SER A 302 3.91 -2.37 -0.72
N GLY A 303 5.23 -2.36 -0.90
CA GLY A 303 6.11 -2.86 0.12
C GLY A 303 6.33 -1.93 1.29
N GLU A 304 5.89 -0.68 1.16
CA GLU A 304 6.01 0.27 2.27
C GLU A 304 5.02 -0.05 3.38
N ARG A 305 3.91 -0.70 3.02
CA ARG A 305 2.98 -1.23 4.02
C ARG A 305 3.64 -2.30 4.88
N TYR A 306 4.64 -2.99 4.35
CA TYR A 306 5.29 -4.11 5.00
C TYR A 306 6.75 -3.79 5.32
N LEU A 307 7.01 -2.60 5.85
CA LEU A 307 8.37 -2.10 5.93
C LEU A 307 9.15 -2.65 7.11
N SER A 308 8.47 -2.97 8.22
CA SER A 308 9.14 -3.51 9.39
C SER A 308 9.26 -5.03 9.35
N THR A 309 8.88 -5.66 8.25
CA THR A 309 8.82 -7.11 8.15
C THR A 309 10.15 -7.65 7.62
N ALA A 310 10.17 -8.92 7.22
CA ALA A 310 11.35 -9.61 6.75
C ALA A 310 11.59 -9.44 5.25
N LEU A 311 10.85 -8.55 4.59
CA LEU A 311 11.13 -8.21 3.21
C LEU A 311 12.35 -7.30 3.08
N PHE A 312 12.77 -6.70 4.19
CA PHE A 312 13.85 -5.71 4.23
C PHE A 312 14.86 -6.25 5.24
N ALA A 313 15.95 -6.82 4.74
CA ALA A 313 16.79 -7.70 5.57
C ALA A 313 17.64 -6.96 6.58
N ASP A 314 18.55 -6.11 6.10
CA ASP A 314 19.51 -5.46 6.97
C ASP A 314 18.88 -4.31 7.76
N LYS B 134 -18.19 -58.21 16.88
CA LYS B 134 -17.16 -57.33 16.32
C LYS B 134 -15.78 -57.70 16.87
N THR B 135 -14.83 -57.89 15.96
CA THR B 135 -13.48 -58.32 16.33
C THR B 135 -12.61 -57.09 16.54
N VAL B 136 -12.45 -56.68 17.79
CA VAL B 136 -11.55 -55.59 18.13
C VAL B 136 -10.12 -56.09 18.03
N ASP B 137 -9.22 -55.24 17.53
CA ASP B 137 -7.85 -55.63 17.25
C ASP B 137 -6.93 -55.26 18.39
N LYS B 138 -5.67 -55.66 18.27
CA LYS B 138 -4.60 -55.23 19.15
C LYS B 138 -3.56 -54.51 18.31
N LEU B 139 -2.94 -53.50 18.89
CA LEU B 139 -2.10 -52.57 18.15
C LEU B 139 -0.77 -53.22 17.75
N ASN B 140 -0.21 -52.74 16.64
CA ASN B 140 1.17 -53.06 16.29
C ASN B 140 2.10 -52.19 17.10
N GLN B 141 3.39 -52.24 16.77
CA GLN B 141 4.30 -51.25 17.30
C GLN B 141 4.25 -49.96 16.50
N LYS B 142 3.74 -50.03 15.27
CA LYS B 142 3.53 -48.83 14.47
C LYS B 142 2.44 -47.94 15.03
N GLN B 143 1.30 -48.54 15.43
CA GLN B 143 0.22 -47.73 15.96
C GLN B 143 0.53 -47.21 17.34
N GLU B 144 1.24 -47.98 18.16
CA GLU B 144 1.62 -47.49 19.48
C GLU B 144 2.66 -46.38 19.37
N SER B 145 3.57 -46.48 18.39
CA SER B 145 4.49 -45.39 18.11
C SER B 145 3.74 -44.14 17.65
N ALA B 146 2.70 -44.32 16.85
CA ALA B 146 1.89 -43.19 16.39
C ALA B 146 1.18 -42.51 17.55
N ILE B 147 0.67 -43.29 18.50
CA ILE B 147 -0.04 -42.73 19.65
C ILE B 147 0.92 -41.94 20.54
N LYS B 148 2.11 -42.50 20.79
CA LYS B 148 3.09 -41.79 21.61
C LYS B 148 3.58 -40.52 20.92
N LYS B 149 3.72 -40.56 19.59
CA LYS B 149 4.10 -39.37 18.83
C LYS B 149 3.03 -38.28 18.92
N ILE B 150 1.75 -38.67 18.79
CA ILE B 150 0.64 -37.72 18.89
C ILE B 150 0.65 -37.03 20.25
N ASP B 151 0.81 -37.81 21.31
CA ASP B 151 0.76 -37.27 22.66
C ASP B 151 1.93 -36.34 22.95
N ASN B 152 3.15 -36.74 22.57
CA ASN B 152 4.31 -35.89 22.82
C ASN B 152 4.29 -34.64 21.95
N THR B 153 3.75 -34.73 20.73
CA THR B 153 3.70 -33.57 19.85
C THR B 153 2.67 -32.57 20.35
N ILE B 154 1.53 -33.04 20.84
CA ILE B 154 0.54 -32.14 21.45
C ILE B 154 1.10 -31.51 22.72
N LYS B 155 1.84 -32.28 23.52
CA LYS B 155 2.31 -31.75 24.79
C LYS B 155 3.44 -30.73 24.62
N ASN B 156 4.32 -30.92 23.64
CA ASN B 156 5.49 -30.06 23.52
C ASN B 156 5.43 -29.03 22.40
N ALA B 157 4.52 -29.18 21.43
CA ALA B 157 4.50 -28.28 20.29
C ALA B 157 3.16 -27.59 20.06
N LEU B 158 2.07 -28.08 20.64
CA LEU B 158 0.77 -27.41 20.58
C LEU B 158 0.58 -26.50 21.79
N LYS B 159 1.54 -25.65 22.05
CA LYS B 159 1.37 -24.67 23.11
C LYS B 159 0.79 -23.38 22.51
N ASP B 160 0.38 -22.47 23.40
CA ASP B 160 -0.10 -21.18 22.93
C ASP B 160 1.03 -20.34 22.36
N HIS B 161 2.24 -20.49 22.91
CA HIS B 161 3.38 -19.72 22.46
C HIS B 161 3.77 -20.06 21.02
N ASP B 162 3.60 -21.31 20.61
CA ASP B 162 3.96 -21.69 19.24
C ASP B 162 2.95 -21.15 18.24
N ILE B 163 1.67 -21.05 18.62
CA ILE B 163 0.67 -20.48 17.74
C ILE B 163 0.87 -18.97 17.62
N ILE B 164 1.21 -18.32 18.74
CA ILE B 164 1.62 -16.90 18.70
C ILE B 164 2.80 -16.71 17.77
N GLY B 165 3.81 -17.59 17.86
CA GLY B 165 4.99 -17.45 17.02
C GLY B 165 4.73 -17.72 15.55
N THR B 166 3.81 -18.63 15.24
CA THR B 166 3.47 -18.89 13.85
C THR B 166 2.71 -17.71 13.24
N LEU B 167 1.79 -17.12 14.02
CA LEU B 167 1.08 -15.94 13.54
C LEU B 167 2.00 -14.73 13.43
N LYS B 168 3.05 -14.66 14.27
CA LYS B 168 4.06 -13.62 14.10
C LYS B 168 4.93 -13.86 12.86
N ASP B 169 5.18 -15.12 12.52
CA ASP B 169 5.96 -15.41 11.31
C ASP B 169 5.16 -15.14 10.04
N MET B 170 3.84 -15.34 10.08
CA MET B 170 3.05 -15.15 8.88
C MET B 170 2.89 -13.68 8.52
N ASP B 171 2.83 -12.79 9.51
CA ASP B 171 2.70 -11.36 9.21
C ASP B 171 4.03 -10.65 9.28
N GLY B 172 5.10 -11.31 8.87
CA GLY B 172 6.40 -10.68 8.87
C GLY B 172 7.25 -10.95 10.09
N LYS B 173 7.18 -10.05 11.06
CA LYS B 173 8.09 -9.88 12.19
C LYS B 173 8.20 -11.09 13.11
N PRO B 174 9.33 -11.78 13.14
CA PRO B 174 9.48 -12.94 14.03
C PRO B 174 10.08 -12.57 15.37
N VAL B 175 10.15 -13.57 16.23
CA VAL B 175 10.65 -13.43 17.60
C VAL B 175 12.16 -13.67 17.59
N PRO B 176 12.97 -12.79 18.17
CA PRO B 176 14.42 -12.88 17.99
C PRO B 176 15.09 -13.87 18.95
N LYS B 177 16.37 -14.12 18.66
CA LYS B 177 17.23 -14.95 19.50
C LYS B 177 17.59 -14.26 20.80
N GLU B 178 18.40 -14.95 21.60
CA GLU B 178 19.01 -14.38 22.78
C GLU B 178 20.32 -13.67 22.47
N ASN B 179 20.89 -13.87 21.27
CA ASN B 179 22.21 -13.34 20.97
C ASN B 179 22.31 -12.69 19.59
N GLY B 180 21.21 -12.50 18.89
CA GLY B 180 21.27 -11.98 17.53
C GLY B 180 20.68 -12.95 16.53
N GLY B 181 19.66 -12.50 15.81
CA GLY B 181 18.97 -13.36 14.87
C GLY B 181 17.50 -13.49 15.22
N TYR B 182 16.80 -14.44 14.61
CA TYR B 182 15.36 -14.60 14.71
C TYR B 182 15.01 -16.08 14.80
N TRP B 183 13.99 -16.40 15.58
CA TRP B 183 13.50 -17.78 15.66
C TRP B 183 12.64 -18.13 14.45
N ASP B 184 12.34 -19.41 14.32
CA ASP B 184 11.61 -19.97 13.19
C ASP B 184 10.51 -20.85 13.74
N ALA B 185 9.31 -20.30 13.94
CA ALA B 185 8.19 -21.10 14.38
C ALA B 185 7.37 -21.64 13.23
N MET B 186 7.54 -21.11 12.01
CA MET B 186 6.71 -21.54 10.90
C MET B 186 7.13 -22.91 10.39
N GLN B 187 8.44 -23.15 10.30
CA GLN B 187 8.95 -24.47 9.93
C GLN B 187 8.60 -25.50 10.99
N GLU B 188 8.64 -25.09 12.25
CA GLU B 188 8.27 -25.98 13.34
C GLU B 188 6.79 -26.34 13.29
N MET B 189 5.95 -25.39 12.91
CA MET B 189 4.52 -25.68 12.82
C MET B 189 4.18 -26.52 11.58
N GLN B 190 4.93 -26.34 10.49
CA GLN B 190 4.76 -27.23 9.35
C GLN B 190 5.19 -28.65 9.68
N ASN B 191 6.28 -28.79 10.44
CA ASN B 191 6.69 -30.12 10.92
C ASN B 191 5.64 -30.73 11.84
N THR B 192 5.05 -29.91 12.71
CA THR B 192 4.02 -30.39 13.64
C THR B 192 2.78 -30.87 12.90
N LEU B 193 2.34 -30.10 11.89
CA LEU B 193 1.19 -30.49 11.10
C LEU B 193 1.46 -31.76 10.29
N ARG B 194 2.65 -31.86 9.68
CA ARG B 194 2.94 -33.04 8.89
C ARG B 194 3.06 -34.30 9.76
N GLY B 195 3.59 -34.15 10.98
CA GLY B 195 3.61 -35.27 11.90
C GLY B 195 2.23 -35.71 12.35
N LEU B 196 1.36 -34.75 12.69
CA LEU B 196 0.03 -35.11 13.17
C LEU B 196 -0.81 -35.71 12.07
N ARG B 197 -0.59 -35.29 10.81
CA ARG B 197 -1.32 -35.91 9.70
C ARG B 197 -0.81 -37.31 9.40
N ASN B 198 0.51 -37.53 9.50
CA ASN B 198 1.04 -38.88 9.31
C ASN B 198 0.54 -39.84 10.38
N HIS B 199 0.44 -39.37 11.61
CA HIS B 199 -0.05 -40.26 12.65
C HIS B 199 -1.56 -40.36 12.67
N ALA B 200 -2.26 -39.40 12.07
CA ALA B 200 -3.70 -39.54 11.92
C ALA B 200 -4.05 -40.52 10.81
N ASP B 201 -3.33 -40.48 9.69
CA ASP B 201 -3.68 -41.42 8.64
C ASP B 201 -3.00 -42.76 8.81
N THR B 202 -2.12 -42.88 9.80
CA THR B 202 -1.80 -44.22 10.31
C THR B 202 -3.03 -44.83 10.99
N LEU B 203 -3.74 -44.03 11.76
CA LEU B 203 -4.88 -44.48 12.57
C LEU B 203 -6.21 -44.02 11.97
N LYS B 204 -6.64 -44.60 10.85
CA LYS B 204 -8.06 -44.46 10.53
C LYS B 204 -8.87 -45.72 10.75
N ASN B 205 -8.47 -46.81 10.10
CA ASN B 205 -9.29 -48.00 9.97
C ASN B 205 -8.93 -49.04 11.02
N VAL B 206 -8.52 -48.57 12.18
CA VAL B 206 -8.26 -49.42 13.33
C VAL B 206 -9.54 -49.50 14.15
N ASN B 207 -9.63 -50.56 14.95
CA ASN B 207 -10.84 -50.80 15.72
C ASN B 207 -10.58 -50.82 17.23
N ASN B 208 -9.35 -50.62 17.66
CA ASN B 208 -9.06 -50.46 19.07
C ASN B 208 -9.57 -49.09 19.52
N PRO B 209 -10.36 -49.00 20.60
CA PRO B 209 -10.86 -47.68 21.04
C PRO B 209 -9.79 -46.70 21.49
N GLU B 210 -8.68 -47.16 22.05
CA GLU B 210 -7.63 -46.23 22.46
C GLU B 210 -6.93 -45.61 21.26
N ALA B 211 -6.80 -46.38 20.17
CA ALA B 211 -6.29 -45.85 18.92
C ALA B 211 -7.24 -44.80 18.34
N GLN B 212 -8.54 -45.02 18.49
CA GLN B 212 -9.52 -44.05 18.01
C GLN B 212 -9.49 -42.77 18.85
N ALA B 213 -9.24 -42.89 20.16
CA ALA B 213 -9.12 -41.70 20.99
C ALA B 213 -7.87 -40.91 20.65
N ALA B 214 -6.77 -41.59 20.32
CA ALA B 214 -5.58 -40.86 19.89
C ALA B 214 -5.76 -40.21 18.53
N TYR B 215 -6.51 -40.85 17.63
CA TYR B 215 -6.89 -40.22 16.37
C TYR B 215 -7.74 -38.98 16.60
N GLY B 216 -8.65 -39.05 17.56
CA GLY B 216 -9.46 -37.89 17.89
C GLY B 216 -8.66 -36.73 18.44
N ARG B 217 -7.68 -37.03 19.30
CA ARG B 217 -6.79 -36.00 19.82
C ARG B 217 -5.94 -35.34 18.72
N ALA B 218 -5.44 -36.15 17.78
CA ALA B 218 -4.65 -35.58 16.67
C ALA B 218 -5.51 -34.75 15.73
N THR B 219 -6.74 -35.21 15.45
CA THR B 219 -7.67 -34.45 14.63
C THR B 219 -8.04 -33.12 15.29
N ASP B 220 -8.21 -33.12 16.61
CA ASP B 220 -8.54 -31.89 17.32
C ASP B 220 -7.37 -30.91 17.31
N ALA B 221 -6.14 -31.40 17.41
CA ALA B 221 -4.99 -30.50 17.33
C ALA B 221 -4.82 -29.92 15.93
N ILE B 222 -5.06 -30.73 14.89
CA ILE B 222 -4.99 -30.23 13.52
C ILE B 222 -6.06 -29.18 13.27
N ASN B 223 -7.27 -29.42 13.78
CA ASN B 223 -8.34 -28.43 13.63
C ASN B 223 -8.06 -27.15 14.41
N LYS B 224 -7.41 -27.26 15.57
CA LYS B 224 -7.00 -26.09 16.34
C LYS B 224 -6.01 -25.23 15.56
N ILE B 225 -5.01 -25.86 14.95
CA ILE B 225 -4.01 -25.11 14.19
C ILE B 225 -4.63 -24.47 12.96
N GLU B 226 -5.42 -25.24 12.20
CA GLU B 226 -6.01 -24.73 10.98
C GLU B 226 -7.01 -23.62 11.25
N SER B 227 -7.79 -23.74 12.33
CA SER B 227 -8.69 -22.67 12.71
C SER B 227 -7.94 -21.47 13.25
N ALA B 228 -6.71 -21.65 13.73
CA ALA B 228 -5.89 -20.49 14.06
C ALA B 228 -5.35 -19.82 12.81
N LEU B 229 -5.15 -20.57 11.71
CA LEU B 229 -4.47 -20.02 10.54
C LEU B 229 -5.39 -19.60 9.41
N LYS B 230 -6.57 -20.23 9.27
CA LYS B 230 -7.45 -20.00 8.14
C LYS B 230 -8.02 -18.58 8.14
N GLY B 231 -7.81 -17.87 7.03
CA GLY B 231 -8.33 -16.53 6.87
C GLY B 231 -7.43 -15.44 7.40
N TYR B 232 -6.24 -15.77 7.86
CA TYR B 232 -5.36 -14.80 8.49
C TYR B 232 -4.56 -14.07 7.42
N GLY B 233 -4.44 -12.75 7.58
CA GLY B 233 -3.69 -11.94 6.66
C GLY B 233 -4.50 -11.32 5.55
N ILE B 234 -5.80 -11.56 5.52
CA ILE B 234 -6.63 -11.04 4.45
C ILE B 234 -7.58 -9.97 5.00
P T6A C 38 20.87 -34.21 25.46
OP1 T6A C 38 21.50 -35.45 24.84
OP2 T6A C 38 20.26 -33.16 24.56
O5' T6A C 38 19.74 -34.70 26.47
C5' T6A C 38 20.02 -35.68 27.46
C4' T6A C 38 18.98 -35.69 28.55
O4' T6A C 38 18.92 -34.40 29.19
C3' T6A C 38 17.55 -35.93 28.09
O3' T6A C 38 17.26 -37.30 27.85
C2' T6A C 38 16.74 -35.33 29.23
O2' T6A C 38 16.67 -36.23 30.32
C1' T6A C 38 17.61 -34.15 29.63
N9 T6A C 38 17.13 -32.89 29.02
C8 T6A C 38 17.76 -32.17 28.07
N7 T6A C 38 17.04 -31.08 27.73
C5 T6A C 38 15.92 -31.08 28.48
C6 T6A C 38 14.72 -30.21 28.63
N6 T6A C 38 14.57 -29.09 27.90
N1 T6A C 38 13.79 -30.58 29.53
C2 T6A C 38 13.92 -31.70 30.28
N3 T6A C 38 14.98 -32.53 30.19
C4 T6A C 38 15.99 -32.27 29.33
C10 T6A C 38 13.77 -28.12 28.29
O10 T6A C 38 13.95 -26.96 27.95
N11 T6A C 38 12.72 -28.42 29.06
C12 T6A C 38 12.18 -27.46 30.00
C13 T6A C 38 12.78 -27.60 31.37
ODA T6A C 38 13.88 -28.19 31.47
ODB T6A C 38 12.16 -27.13 32.35
C14 T6A C 38 10.66 -27.59 30.08
O14 T6A C 38 10.15 -26.75 31.11
C15 T6A C 38 10.26 -29.04 30.35
N SER D 2 -6.01 2.39 -25.08
CA SER D 2 -4.88 1.52 -25.28
C SER D 2 -3.59 2.09 -24.73
N LYS D 3 -3.47 2.15 -23.40
CA LYS D 3 -2.33 2.77 -22.76
C LYS D 3 -1.58 1.75 -21.93
N ILE D 4 -0.51 1.19 -22.50
CA ILE D 4 0.48 0.42 -21.75
C ILE D 4 1.66 1.33 -21.48
N PHE D 5 1.93 1.60 -20.21
CA PHE D 5 3.05 2.44 -19.82
C PHE D 5 4.36 1.69 -19.98
N GLU D 6 5.40 2.42 -20.41
CA GLU D 6 6.69 1.79 -20.66
C GLU D 6 7.49 1.59 -19.37
N ASP D 7 7.41 2.54 -18.45
CA ASP D 7 7.98 2.36 -17.12
C ASP D 7 7.14 3.13 -16.12
N ASN D 8 7.47 2.94 -14.83
CA ASN D 8 6.66 3.48 -13.75
C ASN D 8 6.88 4.98 -13.55
N SER D 9 7.89 5.56 -14.19
CA SER D 9 8.12 7.00 -14.13
C SER D 9 7.14 7.78 -15.00
N LEU D 10 6.59 7.15 -16.02
CA LEU D 10 5.63 7.82 -16.91
C LEU D 10 4.22 7.84 -16.35
N THR D 11 3.96 7.16 -15.23
CA THR D 11 2.63 7.07 -14.65
C THR D 11 2.34 8.19 -13.68
N ILE D 12 3.08 9.29 -13.73
CA ILE D 12 2.87 10.37 -12.77
C ILE D 12 1.63 11.18 -13.17
N GLY D 13 1.07 11.86 -12.19
CA GLY D 13 -0.02 12.78 -12.44
C GLY D 13 -1.39 12.11 -12.40
N HIS D 14 -2.37 12.90 -12.85
CA HIS D 14 -3.79 12.51 -12.92
C HIS D 14 -4.33 12.10 -11.55
N THR D 15 -3.90 12.79 -10.53
CA THR D 15 -4.32 12.52 -9.17
C THR D 15 -5.66 13.20 -8.89
N PRO D 16 -6.57 12.54 -8.18
CA PRO D 16 -7.95 13.00 -8.12
C PRO D 16 -8.15 14.23 -7.26
N LEU D 17 -9.24 14.95 -7.56
CA LEU D 17 -9.61 16.18 -6.87
C LEU D 17 -10.90 15.91 -6.10
N VAL D 18 -10.79 15.81 -4.78
CA VAL D 18 -11.87 15.33 -3.94
C VAL D 18 -12.38 16.46 -3.05
N ARG D 19 -13.71 16.55 -2.95
CA ARG D 19 -14.36 17.57 -2.15
C ARG D 19 -14.36 17.18 -0.68
N LEU D 20 -14.09 18.16 0.20
CA LEU D 20 -14.19 17.97 1.63
C LEU D 20 -15.60 18.32 2.08
N ASN D 21 -16.21 17.42 2.82
CA ASN D 21 -17.60 17.57 3.24
C ASN D 21 -17.74 17.93 4.72
N ARG D 22 -16.92 17.35 5.58
CA ARG D 22 -16.99 17.58 7.01
C ARG D 22 -15.92 18.52 7.53
N ILE D 23 -15.13 19.13 6.64
CA ILE D 23 -14.18 20.17 7.02
C ILE D 23 -14.50 21.40 6.18
N GLY D 24 -14.92 22.46 6.85
CA GLY D 24 -15.31 23.68 6.16
C GLY D 24 -16.77 23.66 5.75
N ASN D 25 -17.06 24.43 4.70
CA ASN D 25 -18.41 24.61 4.20
C ASN D 25 -18.73 23.75 2.99
N GLY D 26 -17.79 22.92 2.54
CA GLY D 26 -17.97 22.15 1.33
C GLY D 26 -17.34 22.74 0.10
N ARG D 27 -16.48 23.75 0.24
CA ARG D 27 -15.81 24.37 -0.89
C ARG D 27 -14.30 24.25 -0.78
N ILE D 28 -13.80 23.34 0.05
CA ILE D 28 -12.39 22.99 0.06
C ILE D 28 -12.21 21.76 -0.81
N LEU D 29 -11.33 21.86 -1.80
CA LEU D 29 -11.12 20.82 -2.79
C LEU D 29 -9.69 20.32 -2.67
N ALA D 30 -9.53 19.03 -2.37
CA ALA D 30 -8.22 18.45 -2.07
C ALA D 30 -7.63 17.82 -3.32
N LYS D 31 -6.36 18.13 -3.58
CA LYS D 31 -5.60 17.48 -4.64
C LYS D 31 -4.69 16.46 -3.98
N VAL D 32 -5.12 15.20 -3.94
CA VAL D 32 -4.41 14.18 -3.19
C VAL D 32 -3.24 13.67 -4.03
N GLU D 33 -2.06 14.22 -3.79
CA GLU D 33 -0.85 13.86 -4.48
C GLU D 33 -0.20 12.59 -3.96
N SER D 34 -0.85 11.88 -3.05
CA SER D 34 -0.35 10.61 -2.56
C SER D 34 -0.62 9.46 -3.51
N ARG D 35 -1.32 9.70 -4.63
CA ARG D 35 -1.66 8.65 -5.57
C ARG D 35 -0.76 8.70 -6.81
N ASN D 36 0.50 8.99 -6.60
CA ASN D 36 1.67 8.95 -7.47
C ASN D 36 2.43 7.66 -7.23
N PRO D 37 3.32 7.23 -8.16
CA PRO D 37 3.94 5.90 -8.02
C PRO D 37 4.94 5.73 -6.88
N SER D 38 5.35 6.79 -6.19
CA SER D 38 6.04 6.61 -4.91
C SER D 38 5.37 7.46 -3.83
N PHE D 39 4.09 7.76 -4.05
CA PHE D 39 3.15 8.20 -3.01
C PHE D 39 3.51 9.56 -2.42
N SER D 40 3.84 10.51 -3.29
CA SER D 40 4.22 11.85 -2.85
C SER D 40 4.03 12.82 -4.01
N VAL D 41 4.25 14.10 -3.73
CA VAL D 41 4.19 15.15 -4.74
C VAL D 41 5.51 15.16 -5.52
N1 LLP D 42 4.98 18.51 1.94
C2 LLP D 42 5.69 17.41 1.66
C2' LLP D 42 5.35 16.09 2.39
C3 LLP D 42 6.73 17.47 0.70
O3 LLP D 42 7.47 16.32 0.41
C4 LLP D 42 7.02 18.65 0.06
C4' LLP D 42 8.19 18.73 -1.03
C5 LLP D 42 6.29 19.77 0.35
C6 LLP D 42 5.27 19.71 1.29
C5' LLP D 42 6.60 21.12 -0.36
OP4 LLP D 42 6.10 21.16 -1.68
P LLP D 42 6.99 21.84 -2.75
OP1 LLP D 42 6.47 23.25 -3.03
OP2 LLP D 42 8.36 21.91 -2.24
OP3 LLP D 42 6.98 21.03 -4.00
N LLP D 42 6.53 14.53 -4.95
CA LLP D 42 7.89 14.64 -5.46
CB LLP D 42 8.84 14.40 -4.33
CG LLP D 42 8.53 15.43 -3.24
CD LLP D 42 8.96 16.80 -3.75
CE LLP D 42 9.51 17.63 -2.57
NZ LLP D 42 8.62 17.44 -1.43
C LLP D 42 8.15 13.72 -6.58
O LLP D 42 9.19 13.83 -7.22
N CYS D 43 7.21 12.83 -6.87
CA CYS D 43 7.33 11.85 -7.95
C CYS D 43 7.36 12.51 -9.29
N ARG D 44 6.64 13.63 -9.37
CA ARG D 44 6.62 14.43 -10.57
C ARG D 44 7.98 15.08 -10.81
N ILE D 45 8.59 15.64 -9.77
CA ILE D 45 9.82 16.38 -9.99
C ILE D 45 11.01 15.45 -10.10
N GLY D 46 10.96 14.28 -9.44
CA GLY D 46 12.03 13.32 -9.58
C GLY D 46 12.04 12.60 -10.89
N ALA D 47 10.89 12.57 -11.57
CA ALA D 47 10.84 12.09 -12.94
C ALA D 47 11.25 13.18 -13.91
N ASN D 48 10.80 14.42 -13.67
CA ASN D 48 11.03 15.45 -14.66
C ASN D 48 12.47 15.97 -14.65
N MET D 49 13.14 15.99 -13.50
CA MET D 49 14.52 16.42 -13.50
C MET D 49 15.42 15.42 -14.21
N ILE D 50 15.07 14.13 -14.13
CA ILE D 50 15.82 13.12 -14.85
C ILE D 50 15.49 13.13 -16.35
N TRP D 51 14.22 13.39 -16.70
CA TRP D 51 13.85 13.56 -18.10
C TRP D 51 14.52 14.78 -18.71
N ASP D 52 14.62 15.87 -17.95
CA ASP D 52 15.25 17.08 -18.45
C ASP D 52 16.76 16.91 -18.57
N ALA D 53 17.37 16.15 -17.67
CA ALA D 53 18.79 15.88 -17.80
C ALA D 53 19.07 14.90 -18.93
N GLU D 54 18.11 14.05 -19.27
CA GLU D 54 18.25 13.24 -20.49
C GLU D 54 18.13 14.09 -21.75
N LYS D 55 17.18 15.02 -21.78
CA LYS D 55 16.97 15.85 -22.96
C LYS D 55 18.06 16.89 -23.15
N ARG D 56 18.67 17.37 -22.08
CA ARG D 56 19.78 18.30 -22.24
C ARG D 56 21.08 17.62 -22.65
N GLY D 57 21.16 16.30 -22.55
CA GLY D 57 22.33 15.57 -22.93
C GLY D 57 23.35 15.39 -21.83
N VAL D 58 23.10 15.94 -20.64
CA VAL D 58 24.07 15.84 -19.55
C VAL D 58 24.00 14.50 -18.85
N LEU D 59 22.88 13.77 -18.99
CA LEU D 59 22.73 12.48 -18.35
C LEU D 59 22.96 11.42 -19.43
N LYS D 60 24.23 11.14 -19.67
CA LYS D 60 24.65 10.17 -20.67
C LYS D 60 24.55 8.77 -20.09
N PRO D 61 24.61 7.72 -20.91
CA PRO D 61 24.84 6.38 -20.36
C PRO D 61 26.24 6.27 -19.79
N GLY D 62 26.32 5.95 -18.50
CA GLY D 62 27.56 5.97 -17.77
C GLY D 62 27.69 7.07 -16.73
N VAL D 63 26.57 7.68 -16.33
CA VAL D 63 26.58 8.84 -15.44
C VAL D 63 25.77 8.48 -14.20
N GLU D 64 26.33 8.74 -13.03
CA GLU D 64 25.71 8.48 -11.74
C GLU D 64 25.08 9.77 -11.21
N LEU D 65 24.03 9.61 -10.41
CA LEU D 65 23.28 10.74 -9.87
C LEU D 65 23.57 10.90 -8.38
N VAL D 66 23.71 12.15 -7.93
CA VAL D 66 23.99 12.48 -6.54
C VAL D 66 23.00 13.55 -6.11
N GLU D 67 22.34 13.34 -4.95
CA GLU D 67 21.47 14.35 -4.42
C GLU D 67 21.46 14.25 -2.89
N PRO D 68 21.77 15.35 -2.19
CA PRO D 68 21.88 15.31 -0.72
C PRO D 68 20.53 15.39 0.00
N THR D 69 19.76 14.31 -0.08
CA THR D 69 18.45 14.30 0.55
C THR D 69 18.10 12.90 1.01
N SER D 70 17.13 12.83 1.92
CA SER D 70 16.60 11.56 2.39
C SER D 70 15.08 11.57 2.46
N GLY D 71 14.42 12.67 2.15
CA GLY D 71 12.98 12.77 2.24
C GLY D 71 12.25 12.17 1.05
N ASN D 72 11.16 12.81 0.64
CA ASN D 72 10.35 12.29 -0.45
C ASN D 72 11.05 12.41 -1.79
N THR D 73 11.89 13.43 -1.95
CA THR D 73 12.65 13.60 -3.18
C THR D 73 13.66 12.47 -3.38
N GLY D 74 14.25 11.97 -2.29
CA GLY D 74 15.17 10.86 -2.41
C GLY D 74 14.48 9.57 -2.84
N ILE D 75 13.27 9.33 -2.34
CA ILE D 75 12.49 8.17 -2.75
C ILE D 75 12.03 8.31 -4.19
N ALA D 76 11.72 9.53 -4.61
CA ALA D 76 11.32 9.80 -5.99
C ALA D 76 12.47 9.58 -6.96
N LEU D 77 13.65 10.10 -6.63
CA LEU D 77 14.82 9.88 -7.46
C LEU D 77 15.22 8.41 -7.46
N ALA D 78 14.98 7.70 -6.36
CA ALA D 78 15.28 6.28 -6.30
C ALA D 78 14.40 5.47 -7.23
N TYR D 79 13.08 5.71 -7.23
CA TYR D 79 12.25 4.87 -8.09
C TYR D 79 12.41 5.26 -9.56
N VAL D 80 12.70 6.53 -9.87
CA VAL D 80 12.90 6.89 -11.27
C VAL D 80 14.24 6.37 -11.78
N ALA D 81 15.29 6.44 -10.96
CA ALA D 81 16.57 5.87 -11.35
C ALA D 81 16.55 4.36 -11.41
N ALA D 82 15.65 3.70 -10.68
CA ALA D 82 15.52 2.25 -10.83
C ALA D 82 14.69 1.88 -12.05
N ALA D 83 13.67 2.68 -12.36
CA ALA D 83 12.83 2.37 -13.52
C ALA D 83 13.56 2.64 -14.82
N ARG D 84 14.39 3.67 -14.88
CA ARG D 84 15.04 4.04 -16.12
C ARG D 84 16.45 3.51 -16.24
N GLY D 85 17.08 3.11 -15.14
CA GLY D 85 18.32 2.38 -15.21
C GLY D 85 19.58 3.18 -14.93
N TYR D 86 19.53 4.10 -13.98
CA TYR D 86 20.69 4.89 -13.64
C TYR D 86 21.01 4.69 -12.17
N LYS D 87 22.21 5.12 -11.77
CA LYS D 87 22.71 4.91 -10.43
C LYS D 87 22.53 6.18 -9.61
N LEU D 88 22.07 6.01 -8.38
CA LEU D 88 21.78 7.13 -7.49
C LEU D 88 22.61 6.97 -6.22
N THR D 89 23.22 8.06 -5.79
CA THR D 89 23.94 8.12 -4.51
C THR D 89 23.30 9.20 -3.66
N LEU D 90 22.62 8.79 -2.60
CA LEU D 90 21.94 9.71 -1.69
C LEU D 90 22.83 9.95 -0.48
N THR D 91 23.01 11.22 -0.15
CA THR D 91 23.84 11.61 0.99
C THR D 91 22.95 12.19 2.07
N MET D 92 23.04 11.64 3.28
CA MET D 92 22.13 11.97 4.36
C MET D 92 22.86 11.84 5.68
N PRO D 93 22.46 12.59 6.70
CA PRO D 93 23.07 12.42 8.03
C PRO D 93 22.68 11.09 8.65
N GLU D 94 23.55 10.61 9.54
CA GLU D 94 23.44 9.28 10.09
C GLU D 94 22.41 9.17 11.21
N THR D 95 21.71 10.25 11.55
CA THR D 95 20.61 10.18 12.50
C THR D 95 19.30 9.75 11.86
N MET D 96 19.31 9.45 10.56
CA MET D 96 18.12 9.05 9.85
C MET D 96 17.73 7.63 10.24
N SER D 97 16.43 7.35 10.17
CA SER D 97 15.86 6.11 10.71
C SER D 97 16.32 4.90 9.91
N ILE D 98 16.22 3.73 10.55
CA ILE D 98 16.57 2.47 9.91
C ILE D 98 15.59 2.16 8.80
N GLU D 99 14.32 2.52 8.97
CA GLU D 99 13.29 2.06 8.03
C GLU D 99 13.31 2.86 6.74
N ARG D 100 13.59 4.16 6.83
CA ARG D 100 13.78 4.97 5.62
C ARG D 100 15.02 4.53 4.86
N ARG D 101 16.07 4.12 5.56
CA ARG D 101 17.24 3.58 4.90
C ARG D 101 16.98 2.21 4.28
N LYS D 102 16.11 1.41 4.88
CA LYS D 102 15.72 0.15 4.24
C LYS D 102 14.90 0.40 2.99
N LEU D 103 14.02 1.41 3.03
CA LEU D 103 13.23 1.78 1.86
C LEU D 103 14.09 2.32 0.74
N LEU D 104 15.16 3.05 1.07
CA LEU D 104 16.03 3.57 0.03
C LEU D 104 17.00 2.52 -0.50
N LYS D 105 17.46 1.59 0.34
CA LYS D 105 18.29 0.50 -0.17
C LYS D 105 17.49 -0.50 -0.98
N ALA D 106 16.19 -0.63 -0.69
CA ALA D 106 15.36 -1.57 -1.43
C ALA D 106 15.09 -1.08 -2.85
N LEU D 107 15.13 0.23 -3.06
CA LEU D 107 15.00 0.80 -4.39
C LEU D 107 16.34 0.93 -5.10
N GLY D 108 17.40 0.37 -4.54
CA GLY D 108 18.67 0.33 -5.23
C GLY D 108 19.46 1.62 -5.18
N ALA D 109 19.42 2.33 -4.07
CA ALA D 109 20.20 3.55 -3.90
C ALA D 109 21.43 3.26 -3.07
N ASN D 110 22.44 4.12 -3.21
CA ASN D 110 23.67 4.00 -2.45
C ASN D 110 23.69 5.12 -1.42
N LEU D 111 23.74 4.76 -0.14
CA LEU D 111 23.53 5.70 0.95
C LEU D 111 24.89 6.04 1.56
N VAL D 112 25.36 7.25 1.34
CA VAL D 112 26.59 7.75 1.95
C VAL D 112 26.20 8.60 3.15
N LEU D 113 26.67 8.22 4.33
CA LEU D 113 26.21 8.79 5.58
C LEU D 113 27.24 9.77 6.13
N THR D 114 26.80 10.98 6.45
CA THR D 114 27.63 11.99 7.10
C THR D 114 27.46 11.89 8.61
N GLU D 115 28.06 12.82 9.32
CA GLU D 115 27.94 12.81 10.77
C GLU D 115 26.69 13.56 11.21
N GLY D 116 26.23 13.24 12.42
CA GLY D 116 25.05 13.86 12.96
C GLY D 116 25.26 15.22 13.57
N ALA D 117 26.51 15.69 13.63
CA ALA D 117 26.78 17.01 14.17
C ALA D 117 26.35 18.10 13.19
N LYS D 118 26.73 17.96 11.92
CA LYS D 118 26.42 18.99 10.94
C LYS D 118 25.05 18.81 10.31
N GLY D 119 24.67 17.58 10.01
CA GLY D 119 23.32 17.34 9.50
C GLY D 119 23.23 17.60 8.01
N MET D 120 22.28 18.46 7.64
CA MET D 120 21.99 18.67 6.22
C MET D 120 23.08 19.45 5.52
N LYS D 121 23.75 20.36 6.22
CA LYS D 121 24.88 21.07 5.62
C LYS D 121 26.04 20.12 5.36
N GLY D 122 26.23 19.14 6.25
CA GLY D 122 27.22 18.11 6.01
C GLY D 122 26.85 17.20 4.86
N ALA D 123 25.55 16.91 4.70
CA ALA D 123 25.11 16.11 3.55
C ALA D 123 25.32 16.84 2.24
N ILE D 124 25.03 18.15 2.21
CA ILE D 124 25.26 18.95 1.02
C ILE D 124 26.74 19.06 0.69
N GLN D 125 27.58 19.26 1.72
CA GLN D 125 29.02 19.37 1.51
C GLN D 125 29.63 18.06 1.03
N LYS D 126 29.12 16.93 1.54
CA LYS D 126 29.61 15.63 1.09
C LYS D 126 29.18 15.34 -0.34
N ALA D 127 27.96 15.75 -0.71
CA ALA D 127 27.51 15.60 -2.09
C ALA D 127 28.35 16.43 -3.04
N GLU D 128 28.70 17.66 -2.63
CA GLU D 128 29.56 18.49 -3.44
C GLU D 128 30.97 17.93 -3.57
N GLU D 129 31.48 17.28 -2.51
CA GLU D 129 32.80 16.67 -2.60
C GLU D 129 32.79 15.43 -3.50
N ILE D 130 31.69 14.67 -3.48
CA ILE D 130 31.58 13.51 -4.38
C ILE D 130 31.51 13.96 -5.84
N VAL D 131 30.73 15.01 -6.12
CA VAL D 131 30.64 15.49 -7.50
C VAL D 131 31.96 16.15 -7.94
N ALA D 132 32.64 16.84 -7.03
CA ALA D 132 33.93 17.42 -7.34
C ALA D 132 35.06 16.40 -7.37
N SER D 133 34.83 15.16 -6.97
CA SER D 133 35.83 14.11 -7.15
C SER D 133 36.01 13.77 -8.62
N ASN D 134 34.92 13.43 -9.31
CA ASN D 134 34.95 13.07 -10.72
C ASN D 134 33.71 13.65 -11.38
N PRO D 135 33.80 14.86 -11.93
CA PRO D 135 32.60 15.55 -12.41
C PRO D 135 32.03 14.99 -13.70
N GLU D 136 32.77 14.19 -14.45
CA GLU D 136 32.22 13.62 -15.68
C GLU D 136 31.40 12.37 -15.44
N LYS D 137 31.29 11.91 -14.20
CA LYS D 137 30.49 10.75 -13.88
C LYS D 137 29.33 11.07 -12.95
N TYR D 138 29.48 12.06 -12.06
CA TYR D 138 28.43 12.40 -11.12
C TYR D 138 27.65 13.62 -11.61
N LEU D 139 26.48 13.82 -11.02
CA LEU D 139 25.58 14.90 -11.43
C LEU D 139 24.65 15.26 -10.29
N LEU D 140 24.70 16.50 -9.82
CA LEU D 140 23.72 17.01 -8.88
C LEU D 140 22.45 17.43 -9.61
N LEU D 141 21.31 17.13 -8.99
CA LEU D 141 20.02 17.48 -9.56
C LEU D 141 19.51 18.84 -9.09
N GLN D 142 19.80 19.19 -7.84
CA GLN D 142 19.58 20.52 -7.25
C GLN D 142 18.10 20.91 -7.30
N GLN D 143 17.32 20.20 -6.47
CA GLN D 143 15.87 20.38 -6.38
C GLN D 143 15.44 21.81 -6.04
N PHE D 144 16.29 22.57 -5.35
CA PHE D 144 15.92 23.92 -4.93
C PHE D 144 16.15 24.96 -6.00
N SER D 145 16.85 24.63 -7.09
CA SER D 145 17.15 25.62 -8.11
C SER D 145 17.03 25.08 -9.53
N ASN D 146 16.32 23.98 -9.75
CA ASN D 146 16.19 23.38 -11.07
C ASN D 146 14.84 23.75 -11.66
N PRO D 147 14.77 24.38 -12.83
CA PRO D 147 13.47 24.77 -13.40
C PRO D 147 12.61 23.61 -13.89
N ALA D 148 13.09 22.37 -13.88
CA ALA D 148 12.22 21.23 -14.14
C ALA D 148 11.20 21.04 -13.03
N ASN D 149 11.55 21.47 -11.81
CA ASN D 149 10.66 21.39 -10.67
C ASN D 149 9.39 22.23 -10.83
N PRO D 150 9.41 23.52 -11.25
CA PRO D 150 8.13 24.17 -11.53
C PRO D 150 7.63 23.89 -12.94
N GLU D 151 8.51 23.40 -13.83
CA GLU D 151 8.08 23.04 -15.18
C GLU D 151 7.10 21.87 -15.17
N ILE D 152 7.31 20.89 -14.29
CA ILE D 152 6.40 19.75 -14.25
C ILE D 152 5.05 20.16 -13.66
N HIS D 153 5.03 21.12 -12.73
CA HIS D 153 3.76 21.54 -12.18
C HIS D 153 3.05 22.52 -13.08
N GLU D 154 3.77 23.17 -13.99
CA GLU D 154 3.11 23.95 -15.02
C GLU D 154 2.55 23.06 -16.12
N LYS D 155 3.22 21.96 -16.44
CA LYS D 155 2.77 21.11 -17.54
C LYS D 155 1.81 20.01 -17.11
N THR D 156 1.78 19.63 -15.83
CA THR D 156 0.86 18.60 -15.37
C THR D 156 -0.16 19.12 -14.37
N THR D 157 0.27 19.70 -13.24
CA THR D 157 -0.62 19.91 -12.10
C THR D 157 -1.66 21.00 -12.37
N GLY D 158 -1.21 22.15 -12.87
CA GLY D 158 -2.05 23.23 -13.34
C GLY D 158 -3.16 22.86 -14.31
N PRO D 159 -2.82 22.15 -15.41
CA PRO D 159 -3.89 21.65 -16.30
C PRO D 159 -4.86 20.68 -15.62
N GLU D 160 -4.39 19.88 -14.67
CA GLU D 160 -5.29 18.98 -13.96
C GLU D 160 -6.28 19.75 -13.10
N ILE D 161 -5.80 20.75 -12.37
CA ILE D 161 -6.67 21.57 -11.53
C ILE D 161 -7.65 22.37 -12.39
N TRP D 162 -7.18 22.90 -13.51
CA TRP D 162 -8.02 23.73 -14.36
C TRP D 162 -9.07 22.91 -15.10
N GLU D 163 -8.71 21.69 -15.54
CA GLU D 163 -9.68 20.86 -16.23
C GLU D 163 -10.60 20.12 -15.28
N ASP D 164 -10.25 20.01 -14.01
CA ASP D 164 -11.18 19.39 -13.08
C ASP D 164 -12.13 20.41 -12.46
N THR D 165 -11.68 21.64 -12.21
CA THR D 165 -12.59 22.65 -11.68
C THR D 165 -13.38 23.37 -12.75
N ASP D 166 -13.10 23.10 -14.04
CA ASP D 166 -13.69 23.79 -15.19
C ASP D 166 -13.49 25.30 -15.11
N GLY D 167 -12.31 25.71 -14.66
CA GLY D 167 -11.98 27.11 -14.60
C GLY D 167 -12.65 27.89 -13.50
N GLN D 168 -12.88 27.26 -12.35
CA GLN D 168 -13.60 27.90 -11.25
C GLN D 168 -12.74 28.01 -9.99
N VAL D 169 -11.41 27.88 -10.12
CA VAL D 169 -10.54 28.04 -8.95
C VAL D 169 -10.54 29.49 -8.51
N ASP D 170 -10.49 29.71 -7.21
CA ASP D 170 -10.38 31.05 -6.68
C ASP D 170 -9.17 31.22 -5.77
N VAL D 171 -8.93 30.27 -4.88
CA VAL D 171 -7.81 30.31 -3.94
C VAL D 171 -7.00 29.03 -4.14
N PHE D 172 -5.67 29.14 -4.12
CA PHE D 172 -4.79 27.98 -4.25
C PHE D 172 -3.81 27.94 -3.08
N ILE D 173 -4.06 27.07 -2.11
CA ILE D 173 -3.17 26.85 -0.97
C ILE D 173 -2.14 25.81 -1.34
N ALA D 174 -0.86 26.14 -1.15
CA ALA D 174 0.22 25.18 -1.32
C ALA D 174 1.30 25.44 -0.28
N GLY D 175 1.73 24.39 0.40
CA GLY D 175 2.84 24.52 1.32
C GLY D 175 4.17 24.61 0.57
N VAL D 176 5.03 25.49 1.03
CA VAL D 176 6.27 25.82 0.35
C VAL D 176 7.41 25.14 1.08
N GLY D 177 7.93 24.07 0.49
CA GLY D 177 9.20 23.51 0.92
C GLY D 177 10.29 23.89 -0.06
N THR D 178 10.03 23.71 -1.35
CA THR D 178 10.91 24.17 -2.40
C THR D 178 10.29 25.25 -3.28
N GLY D 179 8.98 25.45 -3.18
CA GLY D 179 8.32 26.47 -3.97
C GLY D 179 8.11 26.10 -5.41
N GLY D 180 7.93 24.83 -5.72
CA GLY D 180 7.78 24.39 -7.09
C GLY D 180 6.33 24.22 -7.52
N THR D 181 5.51 23.58 -6.68
CA THR D 181 4.12 23.37 -7.04
C THR D 181 3.34 24.68 -7.06
N LEU D 182 3.66 25.60 -6.14
CA LEU D 182 2.97 26.88 -6.08
C LEU D 182 3.35 27.75 -7.27
N THR D 183 4.65 27.78 -7.60
CA THR D 183 5.12 28.51 -8.77
C THR D 183 4.55 27.95 -10.06
N GLY D 184 4.48 26.62 -10.18
CA GLY D 184 4.00 26.02 -11.41
C GLY D 184 2.51 26.24 -11.64
N VAL D 185 1.70 26.03 -10.60
CA VAL D 185 0.26 26.21 -10.77
C VAL D 185 -0.10 27.68 -10.88
N SER D 186 0.58 28.55 -10.11
CA SER D 186 0.35 29.98 -10.22
C SER D 186 0.87 30.55 -11.54
N ARG D 187 1.78 29.85 -12.19
CA ARG D 187 2.28 30.30 -13.48
C ARG D 187 1.42 29.79 -14.62
N TYR D 188 0.76 28.64 -14.43
CA TYR D 188 -0.18 28.16 -15.43
C TYR D 188 -1.48 28.94 -15.40
N ILE D 189 -2.03 29.19 -14.22
CA ILE D 189 -3.36 29.79 -14.17
C ILE D 189 -3.29 31.30 -14.41
N LYS D 190 -2.32 31.98 -13.79
CA LYS D 190 -2.23 33.43 -13.98
C LYS D 190 -1.62 33.78 -15.33
N GLY D 191 -0.62 33.02 -15.77
CA GLY D 191 0.05 33.32 -17.01
C GLY D 191 -0.62 32.79 -18.26
N THR D 192 -0.79 31.48 -18.35
CA THR D 192 -1.29 30.87 -19.57
C THR D 192 -2.79 31.09 -19.73
N LYS D 193 -3.57 30.64 -18.77
CA LYS D 193 -5.02 30.81 -18.85
C LYS D 193 -5.47 32.21 -18.48
N GLY D 194 -4.59 33.03 -17.91
CA GLY D 194 -4.87 34.44 -17.76
C GLY D 194 -5.82 34.83 -16.67
N LYS D 195 -5.81 34.12 -15.54
CA LYS D 195 -6.71 34.41 -14.43
C LYS D 195 -5.90 35.03 -13.30
N THR D 196 -5.84 36.35 -13.27
CA THR D 196 -5.07 37.08 -12.27
C THR D 196 -5.81 37.17 -10.94
N ASP D 197 -7.12 36.87 -10.92
CA ASP D 197 -7.93 36.90 -9.71
C ASP D 197 -7.59 35.79 -8.72
N LEU D 198 -6.73 34.84 -9.09
CA LEU D 198 -6.39 33.73 -8.22
C LEU D 198 -5.57 34.21 -7.03
N ILE D 199 -5.95 33.77 -5.84
CA ILE D 199 -5.24 34.10 -4.62
C ILE D 199 -4.37 32.90 -4.26
N SER D 200 -3.07 33.02 -4.50
CA SER D 200 -2.12 31.95 -4.22
C SER D 200 -1.48 32.24 -2.87
N VAL D 201 -1.77 31.42 -1.87
CA VAL D 201 -1.22 31.65 -0.55
C VAL D 201 -0.19 30.55 -0.27
N ALA D 202 0.73 30.85 0.64
CA ALA D 202 1.87 30.00 0.93
C ALA D 202 1.85 29.64 2.40
N VAL D 203 1.98 28.36 2.70
CA VAL D 203 1.94 27.87 4.08
C VAL D 203 3.37 27.67 4.56
N GLU D 204 3.69 28.25 5.71
CA GLU D 204 4.97 28.06 6.35
C GLU D 204 4.75 27.92 7.85
N PRO D 205 5.70 27.32 8.57
CA PRO D 205 5.55 27.24 10.02
C PRO D 205 5.72 28.57 10.71
N THR D 206 5.09 28.70 11.89
CA THR D 206 5.27 29.89 12.69
C THR D 206 6.61 29.91 13.40
N ASP D 207 7.23 28.74 13.60
CA ASP D 207 8.58 28.69 14.16
C ASP D 207 9.63 29.11 13.15
N SER D 208 9.35 28.97 11.85
CA SER D 208 10.24 29.42 10.79
C SER D 208 9.45 30.23 9.78
N PRO D 209 9.16 31.50 10.08
CA PRO D 209 8.33 32.32 9.17
C PRO D 209 9.15 33.06 8.12
N VAL D 210 9.81 32.29 7.24
CA VAL D 210 10.82 32.87 6.35
C VAL D 210 10.20 33.67 5.22
N ILE D 211 9.09 33.19 4.65
CA ILE D 211 8.45 33.92 3.54
C ILE D 211 7.81 35.21 4.04
N ALA D 212 7.32 35.22 5.27
CA ALA D 212 6.76 36.45 5.84
C ALA D 212 7.84 37.47 6.12
N GLN D 213 9.00 37.01 6.60
CA GLN D 213 10.13 37.91 6.84
C GLN D 213 10.72 38.41 5.53
N ALA D 214 10.59 37.64 4.45
CA ALA D 214 11.11 38.09 3.16
C ALA D 214 10.14 39.06 2.48
N LEU D 215 8.84 38.86 2.65
CA LEU D 215 7.87 39.80 2.07
C LEU D 215 7.73 41.07 2.89
N ALA D 216 8.00 41.02 4.19
CA ALA D 216 7.94 42.21 5.02
C ALA D 216 9.27 42.96 5.06
N GLY D 217 10.28 42.49 4.33
CA GLY D 217 11.57 43.17 4.29
C GLY D 217 12.37 43.05 5.57
N GLU D 218 12.38 41.87 6.18
CA GLU D 218 13.06 41.65 7.45
C GLU D 218 14.26 40.75 7.24
N GLU D 219 14.95 40.44 8.33
CA GLU D 219 16.06 39.52 8.29
C GLU D 219 15.57 38.09 8.43
N ILE D 220 16.12 37.20 7.61
CA ILE D 220 15.73 35.80 7.60
C ILE D 220 16.33 35.12 8.82
N LYS D 221 15.49 34.76 9.79
CA LYS D 221 15.91 33.98 10.95
C LYS D 221 14.97 32.79 11.10
N PRO D 222 15.38 31.60 10.66
CA PRO D 222 14.49 30.43 10.74
C PRO D 222 14.47 29.80 12.11
N GLY D 223 13.80 28.66 12.24
CA GLY D 223 13.74 27.95 13.48
C GLY D 223 13.35 26.50 13.30
N PRO D 224 13.61 25.68 14.32
CA PRO D 224 13.21 24.27 14.25
C PRO D 224 11.71 24.11 14.40
N HIS D 225 11.17 23.14 13.68
CA HIS D 225 9.74 22.90 13.66
C HIS D 225 9.51 21.43 13.36
N LYS D 226 8.23 21.05 13.32
CA LYS D 226 7.86 19.65 13.17
C LYS D 226 7.18 19.35 11.85
N ILE D 227 6.66 20.37 11.15
CA ILE D 227 5.91 20.15 9.93
C ILE D 227 6.91 19.84 8.83
N GLN D 228 7.15 18.55 8.60
CA GLN D 228 8.22 18.14 7.69
C GLN D 228 7.71 18.01 6.27
N GLY D 229 8.48 18.57 5.35
CA GLY D 229 8.07 18.75 3.97
C GLY D 229 8.11 20.22 3.61
N ILE D 230 7.69 21.08 4.53
CA ILE D 230 7.74 22.52 4.31
C ILE D 230 8.72 23.11 5.30
N GLY D 231 8.97 24.41 5.21
CA GLY D 231 9.85 25.10 6.12
C GLY D 231 11.30 24.72 5.94
N ALA D 232 11.88 25.09 4.80
CA ALA D 232 13.27 24.74 4.51
C ALA D 232 14.27 25.60 5.27
N GLY D 233 13.84 26.73 5.81
CA GLY D 233 14.72 27.61 6.55
C GLY D 233 15.24 28.79 5.78
N PHE D 234 14.96 28.86 4.48
CA PHE D 234 15.42 29.95 3.64
C PHE D 234 14.46 30.09 2.47
N ILE D 235 14.67 31.13 1.67
CA ILE D 235 13.91 31.34 0.44
C ILE D 235 14.68 30.65 -0.69
N PRO D 236 14.15 29.60 -1.30
CA PRO D 236 14.86 28.95 -2.39
C PRO D 236 14.84 29.81 -3.65
N ALA D 237 15.69 29.42 -4.60
CA ALA D 237 15.76 30.08 -5.89
C ALA D 237 14.62 29.67 -6.82
N ASN D 238 13.72 28.81 -6.35
CA ASN D 238 12.66 28.24 -7.16
C ASN D 238 11.30 28.84 -6.80
N LEU D 239 11.17 29.40 -5.61
CA LEU D 239 9.98 30.14 -5.23
C LEU D 239 10.12 31.58 -5.70
N ASP D 240 9.24 32.02 -6.59
CA ASP D 240 9.18 33.43 -6.95
C ASP D 240 8.15 34.13 -6.08
N LEU D 241 8.58 35.21 -5.44
CA LEU D 241 7.74 35.89 -4.46
C LEU D 241 6.69 36.78 -5.10
N LYS D 242 6.78 37.00 -6.41
CA LYS D 242 5.82 37.83 -7.11
C LYS D 242 4.45 37.17 -7.23
N LEU D 243 4.40 35.85 -7.20
CA LEU D 243 3.16 35.11 -7.35
C LEU D 243 2.53 34.71 -6.03
N VAL D 244 3.14 35.08 -4.90
CA VAL D 244 2.61 34.77 -3.59
C VAL D 244 1.81 35.97 -3.11
N ASP D 245 0.52 35.76 -2.86
CA ASP D 245 -0.36 36.83 -2.41
C ASP D 245 -0.45 36.92 -0.90
N LYS D 246 -0.55 35.77 -0.23
CA LYS D 246 -0.65 35.72 1.22
C LYS D 246 0.29 34.67 1.76
N VAL D 247 0.60 34.79 3.05
CA VAL D 247 1.38 33.79 3.78
C VAL D 247 0.63 33.48 5.06
N ILE D 248 0.30 32.21 5.28
CA ILE D 248 -0.44 31.78 6.46
C ILE D 248 0.47 30.89 7.30
N GLY D 249 0.75 31.32 8.53
CA GLY D 249 1.58 30.57 9.44
C GLY D 249 0.74 29.60 10.25
N ILE D 250 1.15 28.33 10.24
CA ILE D 250 0.45 27.25 10.93
C ILE D 250 1.39 26.64 11.95
N THR D 251 0.91 26.51 13.19
CA THR D 251 1.71 25.90 14.25
C THR D 251 1.73 24.38 14.07
N ASN D 252 2.51 23.71 14.93
CA ASN D 252 2.70 22.27 14.79
C ASN D 252 1.47 21.50 15.23
N GLU D 253 0.85 21.95 16.33
CA GLU D 253 -0.31 21.26 16.88
C GLU D 253 -1.51 21.37 15.96
N GLU D 254 -1.67 22.51 15.28
CA GLU D 254 -2.76 22.67 14.32
C GLU D 254 -2.58 21.74 13.14
N ALA D 255 -1.34 21.52 12.70
CA ALA D 255 -1.07 20.61 11.60
C ALA D 255 -1.34 19.16 12.00
N ILE D 256 -0.88 18.75 13.18
CA ILE D 256 -1.14 17.38 13.66
C ILE D 256 -2.64 17.14 13.82
N SER D 257 -3.34 18.09 14.44
CA SER D 257 -4.76 17.91 14.71
C SER D 257 -5.59 17.95 13.44
N THR D 258 -5.22 18.80 12.48
CA THR D 258 -5.98 18.87 11.23
C THR D 258 -5.71 17.66 10.34
N ALA D 259 -4.50 17.09 10.40
CA ALA D 259 -4.23 15.86 9.66
C ALA D 259 -4.98 14.67 10.25
N ARG D 260 -5.00 14.57 11.59
CA ARG D 260 -5.80 13.54 12.24
C ARG D 260 -7.28 13.69 11.94
N ARG D 261 -7.76 14.94 11.95
CA ARG D 261 -9.15 15.25 11.63
C ARG D 261 -9.49 14.88 10.20
N LEU D 262 -8.56 15.11 9.28
CA LEU D 262 -8.77 14.81 7.87
C LEU D 262 -8.81 13.30 7.64
N MET D 263 -7.93 12.55 8.32
CA MET D 263 -7.96 11.08 8.23
C MET D 263 -9.24 10.49 8.80
N GLU D 264 -9.70 10.98 9.95
CA GLU D 264 -10.86 10.32 10.56
C GLU D 264 -12.19 10.95 10.17
N GLU D 265 -12.21 12.04 9.42
CA GLU D 265 -13.46 12.61 8.96
C GLU D 265 -13.65 12.56 7.45
N GLU D 266 -12.60 12.36 6.66
CA GLU D 266 -12.76 12.20 5.23
C GLU D 266 -12.11 10.96 4.64
N GLY D 267 -11.41 10.17 5.44
CA GLY D 267 -10.79 8.96 4.92
C GLY D 267 -9.59 9.18 4.05
N ILE D 268 -9.01 10.37 4.06
CA ILE D 268 -7.85 10.71 3.27
C ILE D 268 -6.62 10.56 4.16
N LEU D 269 -5.76 9.60 3.84
CA LEU D 269 -4.55 9.38 4.61
C LEU D 269 -3.59 10.54 4.37
N ALA D 270 -3.32 11.30 5.42
CA ALA D 270 -2.62 12.57 5.29
C ALA D 270 -1.44 12.64 6.25
N GLY D 271 -0.49 13.50 5.92
CA GLY D 271 0.63 13.81 6.77
C GLY D 271 0.52 15.20 7.36
N ILE D 272 1.63 15.67 7.91
CA ILE D 272 1.61 16.89 8.71
C ILE D 272 1.47 18.12 7.82
N SER D 273 2.07 18.11 6.63
CA SER D 273 1.94 19.24 5.71
C SER D 273 0.55 19.34 5.11
N SER D 274 -0.11 18.20 4.91
CA SER D 274 -1.49 18.19 4.43
C SER D 274 -2.43 18.82 5.44
N GLY D 275 -2.23 18.49 6.71
CA GLY D 275 -2.98 19.15 7.77
C GLY D 275 -2.66 20.61 7.91
N ALA D 276 -1.41 21.00 7.66
CA ALA D 276 -1.05 22.42 7.68
C ALA D 276 -1.77 23.20 6.58
N ALA D 277 -1.89 22.59 5.40
CA ALA D 277 -2.54 23.26 4.28
C ALA D 277 -4.06 23.36 4.48
N VAL D 278 -4.69 22.29 4.99
CA VAL D 278 -6.12 22.35 5.28
C VAL D 278 -6.40 23.30 6.45
N ALA D 279 -5.48 23.37 7.42
CA ALA D 279 -5.62 24.34 8.52
C ALA D 279 -5.49 25.76 8.02
N ALA D 280 -4.66 26.01 7.01
CA ALA D 280 -4.58 27.33 6.42
C ALA D 280 -5.85 27.67 5.66
N ALA D 281 -6.46 26.68 4.99
CA ALA D 281 -7.75 26.91 4.33
C ALA D 281 -8.84 27.24 5.34
N LEU D 282 -8.85 26.56 6.48
CA LEU D 282 -9.83 26.86 7.52
C LEU D 282 -9.57 28.21 8.19
N LYS D 283 -8.30 28.59 8.34
CA LYS D 283 -7.97 29.89 8.89
C LYS D 283 -8.30 31.00 7.92
N LEU D 284 -8.33 30.70 6.63
CA LEU D 284 -8.73 31.67 5.62
C LEU D 284 -10.24 31.74 5.41
N GLN D 285 -10.98 30.69 5.75
CA GLN D 285 -12.44 30.76 5.69
C GLN D 285 -13.07 31.43 6.91
N GLU D 286 -12.27 31.92 7.87
CA GLU D 286 -12.84 32.72 8.95
C GLU D 286 -13.23 34.12 8.47
N ASP D 287 -12.53 34.62 7.46
CA ASP D 287 -12.91 35.90 6.86
C ASP D 287 -14.17 35.74 6.03
N GLU D 288 -14.96 36.81 5.96
CA GLU D 288 -16.28 36.74 5.33
C GLU D 288 -16.22 36.72 3.81
N SER D 289 -15.11 37.15 3.21
CA SER D 289 -15.02 37.24 1.76
C SER D 289 -14.67 35.93 1.09
N PHE D 290 -14.31 34.90 1.84
CA PHE D 290 -13.90 33.62 1.29
C PHE D 290 -14.93 32.52 1.54
N THR D 291 -16.14 32.87 1.93
CA THR D 291 -17.12 31.87 2.31
C THR D 291 -17.80 31.22 1.11
N ASN D 292 -17.69 31.81 -0.08
CA ASN D 292 -18.25 31.22 -1.28
C ASN D 292 -17.25 31.25 -2.43
N LYS D 293 -16.00 30.92 -2.13
CA LYS D 293 -14.96 30.80 -3.13
C LYS D 293 -14.43 29.37 -3.13
N ASN D 294 -14.25 28.82 -4.33
CA ASN D 294 -13.67 27.50 -4.48
C ASN D 294 -12.21 27.51 -4.05
N ILE D 295 -11.86 26.63 -3.13
CA ILE D 295 -10.51 26.54 -2.57
C ILE D 295 -9.91 25.21 -3.00
N VAL D 296 -8.77 25.27 -3.68
CA VAL D 296 -8.04 24.08 -4.10
C VAL D 296 -6.77 23.98 -3.29
N VAL D 297 -6.60 22.86 -2.60
CA VAL D 297 -5.53 22.68 -1.63
C VAL D 297 -4.77 21.41 -2.00
N ILE D 298 -3.44 21.47 -1.92
CA ILE D 298 -2.57 20.37 -2.30
C ILE D 298 -2.29 19.51 -1.08
N LEU D 299 -2.60 18.23 -1.16
CA LEU D 299 -2.27 17.27 -0.11
C LEU D 299 -1.11 16.39 -0.59
N PRO D 300 0.13 16.66 -0.16
CA PRO D 300 1.28 16.03 -0.82
C PRO D 300 1.75 14.67 -0.30
N SER D 301 1.32 14.20 0.86
CA SER D 301 1.84 12.94 1.37
C SER D 301 0.79 12.26 2.24
N SER D 302 1.05 10.99 2.55
CA SER D 302 0.15 10.17 3.35
C SER D 302 0.78 9.85 4.69
N GLY D 303 -0.03 9.25 5.57
CA GLY D 303 0.38 8.89 6.91
C GLY D 303 1.11 7.57 7.02
N GLU D 304 1.36 6.91 5.90
CA GLU D 304 2.21 5.72 5.91
C GLU D 304 3.64 6.07 6.26
N ARG D 305 4.16 7.16 5.68
CA ARG D 305 5.56 7.51 5.91
C ARG D 305 5.77 8.07 7.31
N TYR D 306 4.74 8.64 7.91
CA TYR D 306 4.86 9.38 9.16
C TYR D 306 4.31 8.55 10.31
N LEU D 307 4.57 7.24 10.23
CA LEU D 307 3.96 6.26 11.10
C LEU D 307 4.67 6.14 12.44
N SER D 308 5.95 6.52 12.51
CA SER D 308 6.70 6.52 13.75
C SER D 308 6.91 7.93 14.29
N THR D 309 6.08 8.89 13.87
CA THR D 309 6.23 10.29 14.24
C THR D 309 5.20 10.65 15.31
N ALA D 310 5.12 11.94 15.63
CA ALA D 310 4.19 12.45 16.62
C ALA D 310 2.78 12.61 16.09
N LEU D 311 2.55 12.34 14.81
CA LEU D 311 1.21 12.42 14.24
C LEU D 311 0.32 11.32 14.80
N PHE D 312 0.87 10.13 14.99
CA PHE D 312 0.15 8.98 15.52
C PHE D 312 0.55 8.80 16.98
N ALA D 313 -0.12 9.53 17.87
CA ALA D 313 0.16 9.45 19.30
C ALA D 313 -1.05 8.99 20.10
N ASP D 314 -2.12 8.55 19.43
CA ASP D 314 -3.31 8.04 20.10
C ASP D 314 -3.19 6.51 20.15
N LEU D 315 -2.87 5.98 21.32
CA LEU D 315 -2.70 4.54 21.49
C LEU D 315 -3.76 3.99 22.45
MG MG E . 6.94 -24.03 21.95
MG MG F . 20.00 -59.79 15.06
#